data_4AIM
#
_entry.id   4AIM
#
_cell.length_a   97.329
_cell.length_b   97.329
_cell.length_c   191.910
_cell.angle_alpha   90.00
_cell.angle_beta   90.00
_cell.angle_gamma   120.00
#
_symmetry.space_group_name_H-M   'P 63'
#
loop_
_entity.id
_entity.type
_entity.pdbx_description
1 polymer 'POLYRIBONUCLEOTIDE NUCLEOTIDYLTRANSFERASE'
2 polymer 'RIBONUCLEASE, RNE/RNG FAMILY PROTEIN'
3 non-polymer 'PHOSPHATE ION'
4 water water
#
loop_
_entity_poly.entity_id
_entity_poly.type
_entity_poly.pdbx_seq_one_letter_code
_entity_poly.pdbx_strand_id
1 'polypeptide(L)'
;MGSSHHHHHHSQSPMFDIKRKTIEWGGKTLVLETGRIARQADGAVLATMGETVVLATAVFAKSQKPGQDFFPLTVNYQEK
TFAAGKIPGGFFKREGRPSEKETLVSRLIDRPIRPLFVKGFKNEVQVVVTVLQHDLENDPDILGMVAASAALCLSGAPFM
GPIGAARVGWVDGAYVLNPTLDEMKESKMDLVVAGTADAVMMVESEIQELSEEIVLGGVNFAHQQMQAVIDAIIDLAEHA
AKEPFAFEPEDTDAIKAKMKDLVGADIAAAYKIQKKQDRYEAVGAAKKKAIAALGLSDENPTGYDPLKLGAIFKELEADV
VRRGILDTGLRIDGRDVKTVRPILGEVGILPRTHGSALFTRGETQAIVVATLGTGDDEQFIDALEGTYKESFLLHYNFPP
YSVGETGRMGSPGRREIGHGKLAWRALRPMLPTKEDFPYTIRLVSEITESNGSSSMATVCGSSLAMMDAGVPLVRPVSGI
AMGLILEQDGFAVLSDILGDEDHLGDMDFKVAGTSEGLTSLQMDIKIAGITPAIMEQALAQAKEGRAHILGEMNKAMDAP
RADVGDFAPKIETINIPTDKIREVIGSGGKVIREIVATTGAKVDINDDGVVKVSASDGAKIKAAIDWIKSITDEAEIGKI
YDGKVVKVVDFGAFVNFFGAKDGLVHVSQISNERVAKPSDVLKEGQMVKVKLLGFDDRGKTKLSMKVVDQETGEDLSKKE
AAAEEA
;
A
2 'polypeptide(L)' TAPPEKPRRGWWRR C
#
# COMPACT_ATOMS: atom_id res chain seq x y z
N SER A 13 3.82 28.40 -38.64
CA SER A 13 4.70 27.51 -37.83
C SER A 13 4.16 26.04 -37.73
N PRO A 14 5.07 25.02 -37.74
CA PRO A 14 4.55 23.77 -37.19
C PRO A 14 4.20 24.04 -35.75
N MET A 15 3.30 23.24 -35.20
CA MET A 15 2.93 23.34 -33.80
C MET A 15 2.21 24.66 -33.52
N PHE A 16 0.99 24.54 -33.00
CA PHE A 16 0.04 25.64 -32.88
C PHE A 16 -0.57 25.62 -31.48
N ASP A 17 0.31 25.41 -30.49
CA ASP A 17 -0.02 25.47 -29.04
C ASP A 17 -0.05 26.92 -28.61
N ILE A 18 -0.63 27.22 -27.45
CA ILE A 18 -1.48 26.30 -26.68
C ILE A 18 -0.75 25.65 -25.48
N LYS A 19 -1.20 26.00 -24.27
CA LYS A 19 -0.63 25.59 -22.97
C LYS A 19 -1.16 26.49 -21.83
N ARG A 20 -1.89 25.90 -20.85
CA ARG A 20 -2.21 26.54 -19.55
C ARG A 20 -1.06 26.42 -18.53
N LYS A 21 -0.17 27.43 -18.54
CA LYS A 21 1.02 27.49 -17.68
C LYS A 21 0.60 27.90 -16.29
N THR A 22 -0.32 28.89 -16.21
CA THR A 22 -0.91 29.33 -14.93
C THR A 22 -1.27 28.11 -14.12
N ILE A 23 -1.57 28.32 -12.85
CA ILE A 23 -1.57 27.23 -11.91
C ILE A 23 -0.16 27.08 -11.35
N GLU A 24 0.06 27.81 -10.25
CA GLU A 24 0.94 27.37 -9.21
C GLU A 24 0.00 26.58 -8.32
N TRP A 25 0.46 25.43 -7.86
CA TRP A 25 -0.40 24.47 -7.24
C TRP A 25 0.23 24.06 -5.95
N GLY A 26 -0.31 24.62 -4.86
CA GLY A 26 0.14 24.31 -3.49
C GLY A 26 1.65 24.32 -3.36
N GLY A 27 2.27 25.39 -3.85
CA GLY A 27 3.71 25.54 -3.76
C GLY A 27 4.41 25.37 -5.09
N LYS A 28 3.88 24.49 -5.94
CA LYS A 28 4.54 24.12 -7.19
C LYS A 28 3.74 24.55 -8.43
N THR A 29 4.44 24.95 -9.49
CA THR A 29 3.78 25.38 -10.72
C THR A 29 3.60 24.20 -11.64
N LEU A 30 2.46 24.17 -12.28
CA LEU A 30 2.12 23.06 -13.13
C LEU A 30 1.91 23.54 -14.55
N VAL A 31 2.61 22.92 -15.48
CA VAL A 31 2.35 23.27 -16.88
C VAL A 31 1.55 22.17 -17.61
N LEU A 32 0.87 22.57 -18.67
CA LEU A 32 0.18 21.66 -19.55
C LEU A 32 0.34 22.07 -21.00
N GLU A 33 1.35 21.54 -21.66
CA GLU A 33 1.60 21.86 -23.05
C GLU A 33 0.84 20.92 -23.94
N THR A 34 0.14 21.44 -24.93
CA THR A 34 -0.29 20.54 -26.01
C THR A 34 0.09 21.17 -27.33
N GLY A 35 -0.51 20.81 -28.45
CA GLY A 35 -0.10 21.34 -29.76
C GLY A 35 1.33 21.07 -30.32
N ARG A 36 2.35 20.86 -29.48
CA ARG A 36 3.72 20.65 -29.97
C ARG A 36 4.11 19.19 -30.23
N ILE A 37 3.83 18.32 -29.26
CA ILE A 37 4.21 16.89 -29.38
C ILE A 37 3.05 15.87 -29.54
N ALA A 38 3.29 14.86 -30.38
CA ALA A 38 2.37 13.77 -30.68
C ALA A 38 0.99 14.28 -31.04
N ARG A 39 0.96 14.92 -32.19
CA ARG A 39 -0.23 15.55 -32.70
C ARG A 39 -1.05 14.46 -33.36
N GLN A 40 -0.35 13.39 -33.72
CA GLN A 40 -0.92 12.25 -34.42
C GLN A 40 -1.87 11.46 -33.54
N ALA A 41 -1.71 11.58 -32.21
CA ALA A 41 -2.68 11.06 -31.25
C ALA A 41 -3.89 11.99 -31.18
N ASP A 42 -4.93 11.53 -30.52
CA ASP A 42 -6.12 12.34 -30.40
C ASP A 42 -5.91 13.46 -29.38
N GLY A 43 -5.38 13.11 -28.22
CA GLY A 43 -4.95 14.11 -27.25
C GLY A 43 -3.54 13.78 -26.76
N ALA A 44 -2.70 14.81 -26.60
CA ALA A 44 -1.34 14.61 -26.06
C ALA A 44 -0.79 15.84 -25.33
N VAL A 45 -1.12 15.91 -24.06
CA VAL A 45 -0.63 16.96 -23.23
C VAL A 45 0.77 16.62 -22.73
N LEU A 46 1.54 17.64 -22.42
CA LEU A 46 2.83 17.45 -21.83
C LEU A 46 2.86 18.24 -20.54
N ALA A 47 2.66 17.55 -19.42
CA ALA A 47 2.66 18.22 -18.12
C ALA A 47 4.03 18.31 -17.45
N THR A 48 4.16 19.36 -16.65
CA THR A 48 5.38 19.68 -15.97
C THR A 48 5.03 20.08 -14.55
N MET A 49 5.78 19.54 -13.60
CA MET A 49 5.62 19.93 -12.21
C MET A 49 6.99 20.25 -11.63
N GLY A 50 7.35 21.52 -11.70
CA GLY A 50 8.69 21.93 -11.32
C GLY A 50 9.65 21.43 -12.38
N GLU A 51 10.26 20.28 -12.14
CA GLU A 51 11.15 19.69 -13.15
C GLU A 51 10.70 18.31 -13.64
N THR A 52 9.77 17.68 -12.92
CA THR A 52 9.28 16.36 -13.31
C THR A 52 8.39 16.50 -14.54
N VAL A 53 8.68 15.70 -15.56
CA VAL A 53 8.04 15.84 -16.87
C VAL A 53 7.49 14.53 -17.46
N VAL A 54 6.21 14.58 -17.79
CA VAL A 54 5.55 13.44 -18.35
C VAL A 54 4.67 13.86 -19.49
N LEU A 55 4.70 13.02 -20.53
CA LEU A 55 3.88 13.16 -21.73
C LEU A 55 2.72 12.15 -21.64
N ALA A 56 1.50 12.61 -21.84
CA ALA A 56 0.34 11.71 -21.80
C ALA A 56 -0.30 11.67 -23.15
N THR A 57 -0.59 10.50 -23.67
CA THR A 57 -1.29 10.48 -24.93
C THR A 57 -2.42 9.55 -24.79
N ALA A 58 -3.55 9.99 -25.32
CA ALA A 58 -4.77 9.22 -25.40
C ALA A 58 -5.08 9.04 -26.88
N VAL A 59 -5.19 7.79 -27.31
CA VAL A 59 -5.76 7.53 -28.64
C VAL A 59 -6.87 6.54 -28.51
N PHE A 60 -7.95 6.82 -29.23
CA PHE A 60 -9.11 5.98 -29.18
C PHE A 60 -9.67 5.71 -30.57
N ALA A 61 -10.17 4.51 -30.73
CA ALA A 61 -10.74 4.02 -31.95
C ALA A 61 -12.05 4.73 -32.30
N LYS A 62 -12.29 4.90 -33.59
CA LYS A 62 -13.49 5.55 -34.03
C LYS A 62 -14.57 4.53 -34.40
N SER A 63 -14.20 3.31 -34.82
CA SER A 63 -15.17 2.21 -34.92
C SER A 63 -15.39 1.63 -33.53
N GLN A 64 -16.26 0.64 -33.44
CA GLN A 64 -16.32 -0.24 -32.28
C GLN A 64 -16.09 -1.59 -32.87
N LYS A 65 -15.51 -2.47 -32.09
CA LYS A 65 -15.26 -3.82 -32.54
C LYS A 65 -16.60 -4.49 -32.72
N PRO A 66 -16.69 -5.37 -33.74
CA PRO A 66 -17.81 -6.27 -33.95
C PRO A 66 -18.31 -6.93 -32.64
N GLY A 67 -17.73 -8.06 -32.25
CA GLY A 67 -18.22 -8.79 -31.07
C GLY A 67 -17.81 -8.20 -29.73
N GLN A 68 -18.25 -6.97 -29.45
CA GLN A 68 -17.60 -6.17 -28.41
C GLN A 68 -18.43 -6.03 -27.14
N ASP A 69 -18.17 -6.91 -26.17
CA ASP A 69 -19.06 -6.97 -25.02
C ASP A 69 -18.62 -6.13 -23.82
N PHE A 70 -17.37 -5.72 -23.79
CA PHE A 70 -16.89 -4.90 -22.69
C PHE A 70 -16.22 -3.67 -23.29
N PHE A 71 -15.89 -2.72 -22.43
CA PHE A 71 -15.22 -1.55 -22.90
C PHE A 71 -13.73 -1.80 -22.79
N PRO A 72 -13.04 -1.85 -23.93
CA PRO A 72 -11.60 -2.10 -23.87
C PRO A 72 -10.83 -0.81 -23.60
N LEU A 73 -10.34 -0.69 -22.38
CA LEU A 73 -9.52 0.45 -22.02
C LEU A 73 -8.18 -0.02 -21.51
N THR A 74 -7.10 0.62 -21.92
CA THR A 74 -5.77 0.26 -21.45
C THR A 74 -4.88 1.45 -21.24
N VAL A 75 -4.19 1.44 -20.11
CA VAL A 75 -3.33 2.54 -19.65
C VAL A 75 -1.93 2.03 -19.51
N ASN A 76 -0.95 2.77 -19.97
CA ASN A 76 0.39 2.29 -19.78
C ASN A 76 1.17 3.43 -19.23
N TYR A 77 1.45 3.37 -17.93
CA TYR A 77 2.32 4.33 -17.32
C TYR A 77 3.70 3.74 -17.36
N GLN A 78 4.62 4.48 -17.94
CA GLN A 78 5.96 3.98 -18.12
C GLN A 78 6.98 5.01 -17.83
N GLU A 79 8.08 4.55 -17.24
CA GLU A 79 9.19 5.40 -16.81
C GLU A 79 10.42 5.03 -17.59
N LYS A 80 10.92 5.98 -18.35
CA LYS A 80 12.19 5.80 -18.98
C LYS A 80 13.30 6.17 -17.97
N THR A 81 14.34 5.34 -17.88
CA THR A 81 15.45 5.56 -16.94
C THR A 81 16.20 6.88 -17.14
N PHE A 82 16.38 7.30 -18.39
CA PHE A 82 17.01 8.58 -18.70
C PHE A 82 16.34 9.82 -18.07
N ALA A 83 15.10 9.70 -17.63
CA ALA A 83 14.39 10.83 -17.02
C ALA A 83 15.08 11.26 -15.74
N ALA A 84 15.95 10.38 -15.25
CA ALA A 84 16.75 10.60 -14.05
C ALA A 84 18.18 10.16 -14.39
N GLY A 85 18.63 10.66 -15.53
CA GLY A 85 19.92 10.37 -16.12
C GLY A 85 20.59 9.05 -15.82
N LYS A 86 19.85 7.95 -15.86
CA LYS A 86 20.48 6.63 -15.75
C LYS A 86 20.44 5.77 -17.02
N ILE A 87 21.02 4.59 -16.86
CA ILE A 87 21.02 3.53 -17.85
C ILE A 87 20.69 2.25 -17.09
N PRO A 88 19.64 1.54 -17.52
CA PRO A 88 19.11 0.42 -16.75
C PRO A 88 20.18 -0.57 -16.30
N GLY A 89 20.01 -1.14 -15.11
CA GLY A 89 20.93 -2.14 -14.61
C GLY A 89 20.70 -3.49 -15.24
N GLY A 90 19.78 -3.52 -16.22
CA GLY A 90 19.46 -4.74 -16.96
C GLY A 90 20.65 -5.22 -17.77
N PHE A 91 20.84 -6.55 -17.82
CA PHE A 91 21.82 -7.17 -18.70
C PHE A 91 21.72 -6.60 -20.10
N PHE A 92 20.58 -6.02 -20.43
CA PHE A 92 20.41 -5.44 -21.77
C PHE A 92 20.45 -3.93 -21.73
N LYS A 93 20.56 -3.38 -20.53
CA LYS A 93 20.67 -1.93 -20.35
C LYS A 93 19.58 -1.13 -21.11
N ARG A 94 18.59 -1.82 -21.68
CA ARG A 94 17.31 -1.21 -22.09
C ARG A 94 16.26 -1.62 -21.07
N GLU A 95 15.17 -0.85 -20.97
CA GLU A 95 14.14 -1.15 -19.97
C GLU A 95 12.99 -1.85 -20.63
N GLY A 96 12.46 -2.89 -19.98
CA GLY A 96 11.47 -3.76 -20.63
C GLY A 96 10.18 -3.97 -19.85
N ARG A 97 10.02 -5.19 -19.33
CA ARG A 97 8.83 -5.58 -18.59
C ARG A 97 8.59 -4.56 -17.47
N PRO A 98 7.32 -4.08 -17.32
CA PRO A 98 6.89 -3.05 -16.39
C PRO A 98 7.17 -3.40 -14.96
N SER A 99 7.55 -2.39 -14.19
CA SER A 99 7.92 -2.56 -12.78
C SER A 99 6.69 -2.70 -11.91
N GLU A 100 6.94 -2.91 -10.62
CA GLU A 100 5.87 -2.79 -9.65
C GLU A 100 5.22 -1.41 -9.77
N LYS A 101 6.03 -0.35 -9.69
CA LYS A 101 5.57 1.04 -9.73
C LYS A 101 4.91 1.39 -11.06
N GLU A 102 5.58 0.97 -12.14
CA GLU A 102 5.01 1.15 -13.46
C GLU A 102 3.61 0.56 -13.48
N THR A 103 3.51 -0.71 -13.08
CA THR A 103 2.23 -1.41 -13.05
C THR A 103 1.26 -0.80 -12.06
N LEU A 104 1.77 -0.31 -10.93
CA LEU A 104 0.91 0.16 -9.87
C LEU A 104 0.31 1.53 -10.15
N VAL A 105 1.04 2.41 -10.83
CA VAL A 105 0.49 3.72 -11.17
C VAL A 105 -0.55 3.48 -12.26
N SER A 106 -0.18 2.64 -13.22
CA SER A 106 -1.03 2.35 -14.35
C SER A 106 -2.38 1.99 -13.81
N ARG A 107 -2.44 1.12 -12.81
CA ARG A 107 -3.72 0.81 -12.17
C ARG A 107 -4.36 2.05 -11.52
N LEU A 108 -3.57 2.75 -10.72
CA LEU A 108 -4.00 3.95 -10.03
C LEU A 108 -4.54 4.99 -11.02
N ILE A 109 -3.84 5.27 -12.12
CA ILE A 109 -4.45 6.11 -13.20
C ILE A 109 -5.74 5.54 -13.80
N ASP A 110 -5.77 4.25 -14.10
CA ASP A 110 -6.90 3.58 -14.76
C ASP A 110 -8.16 3.64 -13.90
N ARG A 111 -8.01 3.27 -12.63
CA ARG A 111 -9.14 3.17 -11.71
C ARG A 111 -10.16 4.32 -11.88
N PRO A 112 -9.77 5.58 -11.60
CA PRO A 112 -10.78 6.63 -11.50
C PRO A 112 -11.46 6.86 -12.84
N ILE A 113 -10.70 6.67 -13.91
CA ILE A 113 -11.17 6.92 -15.27
C ILE A 113 -12.30 6.03 -15.75
N ARG A 114 -12.06 4.70 -15.74
CA ARG A 114 -12.88 3.73 -16.48
C ARG A 114 -14.35 4.07 -16.42
N PRO A 115 -14.89 4.23 -15.20
CA PRO A 115 -16.29 4.69 -15.00
C PRO A 115 -16.75 5.89 -15.84
N LEU A 116 -15.83 6.73 -16.29
CA LEU A 116 -16.23 8.05 -16.73
C LEU A 116 -16.44 8.14 -18.22
N PHE A 117 -16.40 6.99 -18.88
CA PHE A 117 -16.73 6.96 -20.29
C PHE A 117 -18.22 6.75 -20.44
N VAL A 118 -18.85 7.64 -21.19
CA VAL A 118 -20.28 7.55 -21.55
C VAL A 118 -20.84 6.11 -21.60
N LYS A 119 -21.95 5.87 -20.88
CA LYS A 119 -22.50 4.50 -20.83
C LYS A 119 -22.68 4.01 -22.27
N GLY A 120 -22.39 2.73 -22.51
CA GLY A 120 -22.53 2.18 -23.84
C GLY A 120 -21.25 2.19 -24.66
N PHE A 121 -20.45 3.26 -24.52
CA PHE A 121 -19.24 3.45 -25.33
C PHE A 121 -18.23 2.32 -25.20
N LYS A 122 -18.02 1.58 -26.29
CA LYS A 122 -17.21 0.38 -26.20
C LYS A 122 -16.05 0.37 -27.16
N ASN A 123 -15.53 1.55 -27.46
CA ASN A 123 -14.40 1.61 -28.36
C ASN A 123 -13.07 1.36 -27.73
N GLU A 124 -12.11 0.92 -28.55
CA GLU A 124 -10.77 0.71 -28.05
C GLU A 124 -10.16 2.09 -27.65
N VAL A 125 -9.64 2.20 -26.44
CA VAL A 125 -9.06 3.45 -25.96
C VAL A 125 -7.80 3.09 -25.19
N GLN A 126 -6.73 3.83 -25.45
CA GLN A 126 -5.46 3.53 -24.85
C GLN A 126 -4.70 4.81 -24.55
N VAL A 127 -4.59 5.09 -23.27
CA VAL A 127 -3.88 6.21 -22.74
C VAL A 127 -2.50 5.76 -22.40
N VAL A 128 -1.51 6.43 -22.95
CA VAL A 128 -0.15 6.12 -22.53
C VAL A 128 0.46 7.33 -21.87
N VAL A 129 1.06 7.12 -20.70
CA VAL A 129 1.83 8.14 -20.04
C VAL A 129 3.26 7.73 -19.93
N THR A 130 4.17 8.63 -20.20
CA THR A 130 5.58 8.31 -20.18
C THR A 130 6.37 9.35 -19.43
N VAL A 131 7.09 8.93 -18.39
CA VAL A 131 7.91 9.88 -17.61
C VAL A 131 9.24 10.18 -18.24
N LEU A 132 9.41 11.43 -18.66
CA LEU A 132 10.63 11.95 -19.34
C LEU A 132 11.69 12.66 -18.45
N GLN A 133 11.26 13.21 -17.33
CA GLN A 133 12.17 13.90 -16.44
C GLN A 133 11.68 13.77 -15.01
N HIS A 134 12.55 13.28 -14.14
CA HIS A 134 12.21 13.19 -12.73
C HIS A 134 13.15 14.05 -11.92
N ASP A 135 12.60 15.05 -11.24
CA ASP A 135 13.44 16.00 -10.51
C ASP A 135 13.75 15.52 -9.09
N LEU A 136 13.62 14.23 -8.86
CA LEU A 136 13.81 13.67 -7.52
C LEU A 136 13.00 14.32 -6.39
N GLU A 137 11.99 15.13 -6.71
CA GLU A 137 11.18 15.77 -5.67
C GLU A 137 9.71 15.54 -5.88
N ASN A 138 9.21 16.01 -7.00
CA ASN A 138 7.85 15.70 -7.39
C ASN A 138 7.70 14.27 -7.94
N ASP A 139 6.92 13.45 -7.22
CA ASP A 139 6.57 12.11 -7.69
C ASP A 139 5.70 12.26 -8.94
N PRO A 140 6.06 11.52 -10.00
CA PRO A 140 5.34 11.70 -11.28
C PRO A 140 3.95 11.07 -11.32
N ASP A 141 3.69 10.04 -10.54
CA ASP A 141 2.33 9.49 -10.49
C ASP A 141 1.22 10.53 -10.47
N ILE A 142 1.19 11.40 -9.44
CA ILE A 142 0.12 12.42 -9.39
C ILE A 142 0.06 13.29 -10.65
N LEU A 143 1.20 13.86 -10.98
CA LEU A 143 1.29 14.54 -12.24
C LEU A 143 0.69 13.68 -13.39
N GLY A 144 1.18 12.46 -13.53
CA GLY A 144 0.77 11.56 -14.61
C GLY A 144 -0.72 11.39 -14.67
N MET A 145 -1.38 11.32 -13.50
CA MET A 145 -2.82 11.15 -13.48
C MET A 145 -3.45 12.38 -14.11
N VAL A 146 -3.04 13.54 -13.63
CA VAL A 146 -3.46 14.81 -14.18
C VAL A 146 -3.29 14.85 -15.70
N ALA A 147 -2.09 14.46 -16.14
CA ALA A 147 -1.73 14.48 -17.55
C ALA A 147 -2.66 13.61 -18.39
N ALA A 148 -2.78 12.32 -18.04
CA ALA A 148 -3.74 11.42 -18.62
C ALA A 148 -5.03 12.19 -18.82
N SER A 149 -5.60 12.57 -17.68
CA SER A 149 -6.80 13.40 -17.69
C SER A 149 -6.76 14.45 -18.79
N ALA A 150 -5.82 15.37 -18.70
CA ALA A 150 -5.75 16.45 -19.67
C ALA A 150 -5.85 15.87 -21.07
N ALA A 151 -4.89 15.01 -21.39
CA ALA A 151 -4.69 14.48 -22.72
C ALA A 151 -5.99 13.94 -23.25
N LEU A 152 -6.77 13.34 -22.35
CA LEU A 152 -8.04 12.71 -22.72
C LEU A 152 -9.11 13.69 -23.13
N CYS A 153 -9.53 14.57 -22.22
CA CYS A 153 -10.46 15.67 -22.51
C CYS A 153 -10.18 16.29 -23.86
N LEU A 154 -8.90 16.55 -24.10
CA LEU A 154 -8.46 17.07 -25.35
C LEU A 154 -8.82 16.18 -26.56
N SER A 155 -8.91 14.87 -26.36
CA SER A 155 -9.10 13.89 -27.43
C SER A 155 -10.48 13.93 -28.07
N GLY A 156 -11.45 14.47 -27.32
CA GLY A 156 -12.83 14.50 -27.78
C GLY A 156 -13.57 13.22 -27.49
N ALA A 157 -12.84 12.21 -27.01
CA ALA A 157 -13.44 10.90 -26.72
C ALA A 157 -14.49 11.09 -25.64
N PRO A 158 -15.51 10.21 -25.57
CA PRO A 158 -16.63 10.39 -24.66
C PRO A 158 -16.31 10.16 -23.18
N PHE A 159 -15.53 11.08 -22.58
CA PHE A 159 -14.89 10.83 -21.28
C PHE A 159 -15.29 11.87 -20.27
N MET A 160 -16.36 11.59 -19.56
CA MET A 160 -17.06 12.63 -18.84
C MET A 160 -16.33 13.39 -17.72
N GLY A 161 -15.86 14.57 -18.09
CA GLY A 161 -15.39 15.57 -17.15
C GLY A 161 -13.97 15.32 -16.73
N PRO A 162 -13.15 16.37 -16.77
CA PRO A 162 -11.77 16.17 -16.35
C PRO A 162 -11.68 15.72 -14.90
N ILE A 163 -10.65 14.95 -14.64
CA ILE A 163 -10.49 14.28 -13.39
C ILE A 163 -9.22 14.79 -12.77
N GLY A 164 -9.24 15.02 -11.47
CA GLY A 164 -8.04 15.52 -10.83
C GLY A 164 -7.49 14.48 -9.92
N ALA A 165 -6.27 14.72 -9.43
CA ALA A 165 -5.70 13.82 -8.44
C ALA A 165 -4.76 14.59 -7.57
N ALA A 166 -4.69 14.18 -6.31
CA ALA A 166 -3.85 14.85 -5.34
C ALA A 166 -3.33 13.82 -4.35
N ARG A 167 -2.06 13.93 -4.06
CA ARG A 167 -1.53 13.18 -2.93
C ARG A 167 -1.52 14.12 -1.74
N VAL A 168 -1.88 13.59 -0.57
CA VAL A 168 -1.87 14.37 0.64
C VAL A 168 -0.88 13.70 1.55
N GLY A 169 -0.24 14.49 2.41
CA GLY A 169 0.67 13.99 3.46
C GLY A 169 0.13 14.43 4.81
N TRP A 170 0.80 14.02 5.89
CA TRP A 170 0.45 14.47 7.25
C TRP A 170 1.65 14.92 7.99
N VAL A 171 1.82 16.24 8.08
CA VAL A 171 2.90 16.86 8.85
C VAL A 171 2.36 17.74 9.98
N ASP A 172 2.91 17.51 11.18
CA ASP A 172 2.49 18.19 12.40
C ASP A 172 1.04 17.88 12.72
N GLY A 173 0.18 18.25 11.79
CA GLY A 173 -1.23 18.05 11.95
C GLY A 173 -1.82 18.83 10.82
N ALA A 174 -1.01 19.06 9.81
CA ALA A 174 -1.44 19.79 8.64
C ALA A 174 -1.49 18.81 7.48
N TYR A 175 -2.68 18.67 6.87
CA TYR A 175 -2.79 18.06 5.55
C TYR A 175 -1.93 18.89 4.62
N VAL A 176 -0.92 18.27 4.01
CA VAL A 176 -0.07 19.00 3.07
C VAL A 176 -0.21 18.44 1.65
N LEU A 177 -0.49 19.34 0.71
CA LEU A 177 -0.75 18.98 -0.67
C LEU A 177 0.49 18.63 -1.50
N ASN A 178 0.52 17.40 -2.01
CA ASN A 178 1.57 16.93 -2.90
C ASN A 178 2.95 16.97 -2.27
N PRO A 179 3.08 16.40 -1.06
CA PRO A 179 4.37 16.39 -0.41
C PRO A 179 5.44 15.82 -1.34
N THR A 180 6.44 16.62 -1.67
CA THR A 180 7.57 16.14 -2.42
C THR A 180 8.23 14.99 -1.68
N LEU A 181 9.18 14.37 -2.36
CA LEU A 181 9.75 13.14 -1.87
C LEU A 181 10.22 13.30 -0.45
N ASP A 182 10.98 14.38 -0.22
CA ASP A 182 11.50 14.73 1.10
C ASP A 182 10.36 14.91 2.11
N GLU A 183 9.40 15.79 1.78
CA GLU A 183 8.27 16.02 2.66
C GLU A 183 7.60 14.70 3.04
N MET A 184 7.77 13.67 2.21
CA MET A 184 7.14 12.40 2.52
C MET A 184 7.84 11.72 3.66
N LYS A 185 9.17 11.79 3.65
CA LYS A 185 10.06 11.13 4.62
C LYS A 185 9.59 11.33 6.08
N GLU A 186 8.84 12.41 6.31
CA GLU A 186 8.46 12.87 7.64
C GLU A 186 6.93 13.01 7.75
N SER A 187 6.21 12.24 6.95
CA SER A 187 4.74 12.27 7.02
C SER A 187 4.22 10.98 7.65
N LYS A 188 3.04 11.06 8.26
CA LYS A 188 2.38 9.89 8.85
C LYS A 188 1.25 9.40 7.95
N MET A 189 1.30 9.82 6.67
CA MET A 189 0.27 9.51 5.66
C MET A 189 0.70 9.69 4.19
N ASP A 190 0.33 8.72 3.36
CA ASP A 190 0.53 8.77 1.89
C ASP A 190 -0.85 8.48 1.27
N LEU A 191 -1.70 9.49 1.29
CA LEU A 191 -3.06 9.30 0.86
C LEU A 191 -3.24 9.88 -0.55
N VAL A 192 -3.31 9.01 -1.55
CA VAL A 192 -3.55 9.45 -2.90
C VAL A 192 -5.03 9.47 -3.21
N VAL A 193 -5.48 10.45 -3.99
CA VAL A 193 -6.90 10.63 -4.28
C VAL A 193 -7.10 11.27 -5.65
N ALA A 194 -8.09 10.75 -6.37
CA ALA A 194 -8.45 11.29 -7.66
C ALA A 194 -9.95 11.36 -7.71
N GLY A 195 -10.44 12.43 -8.34
CA GLY A 195 -11.88 12.66 -8.43
C GLY A 195 -12.26 13.66 -9.50
N THR A 196 -13.55 13.92 -9.62
CA THR A 196 -14.06 14.92 -10.56
C THR A 196 -14.42 16.22 -9.84
N ALA A 197 -15.10 17.10 -10.58
CA ALA A 197 -15.76 18.28 -10.02
C ALA A 197 -16.75 17.93 -8.90
N ASP A 198 -17.28 16.70 -8.91
CA ASP A 198 -18.46 16.35 -8.13
C ASP A 198 -18.25 15.39 -6.97
N ALA A 199 -17.41 14.40 -7.13
CA ALA A 199 -17.10 13.53 -6.00
C ALA A 199 -15.72 12.95 -6.24
N VAL A 200 -15.13 12.34 -5.22
CA VAL A 200 -13.89 11.60 -5.48
C VAL A 200 -14.30 10.28 -6.09
N MET A 201 -13.37 9.72 -6.84
CA MET A 201 -13.70 8.59 -7.64
C MET A 201 -13.01 7.39 -7.06
N MET A 202 -11.81 7.63 -6.56
CA MET A 202 -10.98 6.56 -6.11
C MET A 202 -10.21 7.05 -4.91
N VAL A 203 -9.81 6.12 -4.02
CA VAL A 203 -8.76 6.43 -3.04
C VAL A 203 -7.87 5.25 -2.64
N GLU A 204 -6.58 5.45 -2.82
CA GLU A 204 -5.58 4.50 -2.41
C GLU A 204 -4.68 5.26 -1.43
N SER A 205 -4.50 4.69 -0.25
CA SER A 205 -3.71 5.30 0.80
C SER A 205 -2.79 4.31 1.47
N GLU A 206 -1.91 4.89 2.29
CA GLU A 206 -1.05 4.17 3.19
C GLU A 206 -0.94 5.07 4.41
N ILE A 207 -1.40 4.56 5.55
CA ILE A 207 -1.57 5.39 6.75
C ILE A 207 -0.74 4.91 7.92
N GLN A 208 -0.06 5.85 8.59
CA GLN A 208 0.71 5.54 9.80
C GLN A 208 -0.15 5.72 11.05
N GLU A 209 -1.15 4.85 11.17
CA GLU A 209 -2.12 4.76 12.28
C GLU A 209 -2.92 6.03 12.64
N LEU A 210 -3.74 6.51 11.72
CA LEU A 210 -4.58 7.71 11.97
C LEU A 210 -6.06 7.36 11.95
N SER A 211 -6.86 8.22 12.59
CA SER A 211 -8.28 7.94 12.78
C SER A 211 -9.12 8.43 11.63
N GLU A 212 -10.27 7.76 11.49
CA GLU A 212 -11.28 8.02 10.47
C GLU A 212 -11.41 9.49 10.07
N GLU A 213 -11.48 10.37 11.08
CA GLU A 213 -11.66 11.79 10.86
C GLU A 213 -10.43 12.37 10.21
N ILE A 214 -9.26 12.05 10.75
CA ILE A 214 -8.03 12.62 10.21
C ILE A 214 -7.79 12.13 8.81
N VAL A 215 -8.26 10.92 8.56
CA VAL A 215 -7.98 10.30 7.30
C VAL A 215 -8.91 10.82 6.21
N LEU A 216 -10.20 10.76 6.50
CA LEU A 216 -11.20 11.22 5.56
C LEU A 216 -11.12 12.74 5.43
N GLY A 217 -10.60 13.39 6.47
CA GLY A 217 -10.34 14.80 6.40
C GLY A 217 -9.32 15.00 5.30
N GLY A 218 -8.46 13.98 5.17
CA GLY A 218 -7.47 13.92 4.11
C GLY A 218 -8.19 14.03 2.79
N VAL A 219 -8.99 13.01 2.50
CA VAL A 219 -9.79 12.92 1.26
C VAL A 219 -10.31 14.28 0.83
N ASN A 220 -10.99 14.96 1.77
CA ASN A 220 -11.62 16.19 1.43
C ASN A 220 -10.68 17.31 1.25
N PHE A 221 -9.60 17.30 2.01
CA PHE A 221 -8.53 18.20 1.65
C PHE A 221 -8.25 18.07 0.15
N ALA A 222 -7.83 16.88 -0.26
CA ALA A 222 -7.53 16.56 -1.67
C ALA A 222 -8.63 16.95 -2.69
N HIS A 223 -9.89 16.74 -2.31
CA HIS A 223 -10.96 17.04 -3.21
C HIS A 223 -10.89 18.48 -3.62
N GLN A 224 -10.78 19.38 -2.65
CA GLN A 224 -10.69 20.80 -2.96
C GLN A 224 -9.44 21.09 -3.73
N GLN A 225 -8.34 20.54 -3.25
CA GLN A 225 -7.03 20.93 -3.72
C GLN A 225 -6.73 20.56 -5.15
N MET A 226 -7.59 19.73 -5.73
CA MET A 226 -7.43 19.37 -7.12
C MET A 226 -8.37 20.23 -7.92
N GLN A 227 -9.36 20.79 -7.23
CA GLN A 227 -10.33 21.58 -7.90
C GLN A 227 -9.71 22.68 -8.78
N ALA A 228 -8.52 23.14 -8.39
CA ALA A 228 -7.77 24.09 -9.19
C ALA A 228 -7.38 23.47 -10.52
N VAL A 229 -6.86 22.25 -10.47
CA VAL A 229 -6.42 21.51 -11.65
C VAL A 229 -7.58 21.14 -12.54
N ILE A 230 -8.63 20.54 -11.99
CA ILE A 230 -9.79 20.24 -12.83
C ILE A 230 -10.19 21.46 -13.66
N ASP A 231 -10.29 22.64 -13.02
CA ASP A 231 -10.69 23.90 -13.68
C ASP A 231 -9.72 24.25 -14.76
N ALA A 232 -8.45 23.99 -14.46
CA ALA A 232 -7.34 24.29 -15.38
C ALA A 232 -7.50 23.52 -16.68
N ILE A 233 -7.72 22.21 -16.53
CA ILE A 233 -7.80 21.30 -17.65
C ILE A 233 -8.87 21.85 -18.57
N ILE A 234 -10.00 22.18 -17.98
CA ILE A 234 -11.05 22.80 -18.73
C ILE A 234 -10.51 24.02 -19.49
N ASP A 235 -9.89 24.96 -18.78
CA ASP A 235 -9.33 26.14 -19.44
C ASP A 235 -8.60 25.77 -20.74
N LEU A 236 -7.71 24.78 -20.63
CA LEU A 236 -6.92 24.33 -21.79
C LEU A 236 -7.81 23.81 -22.89
N ALA A 237 -8.51 22.74 -22.53
CA ALA A 237 -9.54 22.14 -23.35
C ALA A 237 -10.28 23.21 -24.13
N GLU A 238 -10.73 24.26 -23.43
CA GLU A 238 -11.61 25.25 -24.02
C GLU A 238 -11.10 25.71 -25.37
N HIS A 239 -9.81 25.99 -25.48
CA HIS A 239 -9.27 26.35 -26.77
C HIS A 239 -8.13 25.44 -27.06
N ALA A 240 -8.44 24.18 -27.40
CA ALA A 240 -7.40 23.16 -27.69
C ALA A 240 -7.95 21.74 -27.89
N ALA A 241 -8.98 21.35 -27.15
CA ALA A 241 -9.59 20.05 -27.35
C ALA A 241 -10.02 19.86 -28.80
N LYS A 242 -10.04 18.60 -29.23
CA LYS A 242 -10.53 18.24 -30.57
C LYS A 242 -12.06 18.17 -30.56
N GLU A 243 -12.65 18.32 -31.73
CA GLU A 243 -14.10 18.32 -31.88
C GLU A 243 -14.63 17.07 -31.18
N PRO A 244 -15.56 17.24 -30.23
CA PRO A 244 -15.91 16.07 -29.47
C PRO A 244 -16.58 15.06 -30.37
N PHE A 245 -16.37 13.80 -30.01
CA PHE A 245 -16.69 12.66 -30.84
C PHE A 245 -18.13 12.34 -30.51
N ALA A 246 -18.98 12.34 -31.53
CA ALA A 246 -20.40 12.18 -31.30
C ALA A 246 -20.71 10.74 -31.00
N PHE A 247 -21.23 10.49 -29.81
CA PHE A 247 -21.67 9.15 -29.53
C PHE A 247 -22.93 9.27 -28.68
N GLU A 248 -23.97 8.55 -29.12
CA GLU A 248 -25.28 8.53 -28.47
C GLU A 248 -25.13 7.74 -27.20
N PRO A 249 -25.04 8.43 -26.07
CA PRO A 249 -25.09 7.72 -24.79
C PRO A 249 -26.29 6.78 -24.79
N GLU A 250 -26.02 5.50 -24.99
CA GLU A 250 -27.02 4.49 -25.20
C GLU A 250 -28.14 4.59 -24.16
N ASP A 251 -29.38 4.69 -24.63
CA ASP A 251 -30.55 4.63 -23.75
C ASP A 251 -31.16 3.23 -23.74
N THR A 252 -31.21 2.69 -22.52
CA THR A 252 -31.69 1.35 -22.26
C THR A 252 -33.18 1.43 -21.82
N ASP A 253 -33.46 2.44 -20.99
CA ASP A 253 -34.77 2.68 -20.37
C ASP A 253 -35.98 2.15 -21.14
N ALA A 254 -36.17 2.64 -22.37
CA ALA A 254 -37.23 2.14 -23.25
C ALA A 254 -37.38 0.62 -23.12
N ILE A 255 -36.40 -0.12 -23.59
CA ILE A 255 -36.47 -1.58 -23.56
C ILE A 255 -36.27 -2.15 -22.16
N LYS A 256 -35.58 -1.40 -21.30
CA LYS A 256 -35.32 -1.86 -19.93
C LYS A 256 -36.61 -2.00 -19.13
N ALA A 257 -37.53 -1.06 -19.35
CA ALA A 257 -38.83 -1.03 -18.67
C ALA A 257 -39.74 -2.12 -19.20
N LYS A 258 -39.62 -2.38 -20.51
CA LYS A 258 -40.43 -3.40 -21.19
C LYS A 258 -40.14 -4.81 -20.66
N MET A 259 -38.88 -5.12 -20.42
CA MET A 259 -38.50 -6.42 -19.85
C MET A 259 -38.82 -6.49 -18.37
N LYS A 260 -38.90 -5.33 -17.71
CA LYS A 260 -39.17 -5.27 -16.27
C LYS A 260 -40.53 -5.85 -15.99
N ASP A 261 -41.55 -5.34 -16.65
CA ASP A 261 -42.92 -5.79 -16.42
C ASP A 261 -43.24 -7.20 -16.92
N LEU A 262 -42.40 -7.74 -17.80
CA LEU A 262 -42.50 -9.16 -18.14
C LEU A 262 -41.86 -10.05 -17.09
N VAL A 263 -40.92 -9.53 -16.30
CA VAL A 263 -40.19 -10.37 -15.35
C VAL A 263 -40.06 -9.75 -13.95
N GLY A 264 -40.22 -8.43 -13.87
CA GLY A 264 -40.04 -7.66 -12.63
C GLY A 264 -40.75 -8.11 -11.35
N ALA A 265 -41.72 -9.01 -11.49
CA ALA A 265 -42.38 -9.64 -10.34
C ALA A 265 -41.88 -11.08 -10.24
N ASP A 266 -41.50 -11.64 -11.39
CA ASP A 266 -40.97 -13.00 -11.49
C ASP A 266 -39.58 -13.15 -10.85
N ILE A 267 -39.06 -12.04 -10.34
CA ILE A 267 -37.76 -12.01 -9.69
C ILE A 267 -37.90 -11.65 -8.21
N ALA A 268 -38.98 -10.93 -7.90
CA ALA A 268 -39.35 -10.56 -6.53
C ALA A 268 -39.81 -11.80 -5.78
N ALA A 269 -40.44 -12.71 -6.51
CA ALA A 269 -40.72 -14.05 -6.05
C ALA A 269 -39.80 -15.01 -6.83
N ALA A 270 -38.53 -14.62 -6.91
CA ALA A 270 -37.49 -15.42 -7.55
C ALA A 270 -36.27 -15.35 -6.67
N TYR A 271 -35.77 -14.15 -6.45
CA TYR A 271 -34.70 -13.95 -5.48
C TYR A 271 -35.19 -14.36 -4.09
N LYS A 272 -36.40 -13.94 -3.73
CA LYS A 272 -37.05 -14.37 -2.47
C LYS A 272 -36.88 -15.87 -2.24
N ILE A 273 -36.75 -16.63 -3.32
CA ILE A 273 -36.48 -18.08 -3.23
C ILE A 273 -35.23 -18.36 -2.39
N GLN A 274 -35.46 -18.75 -1.13
CA GLN A 274 -34.38 -19.12 -0.19
C GLN A 274 -33.58 -20.32 -0.72
N LYS A 275 -34.29 -21.40 -1.04
CA LYS A 275 -33.65 -22.60 -1.61
C LYS A 275 -32.87 -22.25 -2.89
N LYS A 276 -31.54 -22.33 -2.80
CA LYS A 276 -30.62 -22.02 -3.90
C LYS A 276 -31.11 -22.51 -5.28
N GLN A 277 -32.01 -23.50 -5.24
CA GLN A 277 -32.62 -24.12 -6.44
C GLN A 277 -33.29 -23.12 -7.37
N ASP A 278 -34.63 -23.11 -7.39
CA ASP A 278 -35.40 -22.15 -8.19
C ASP A 278 -34.85 -20.74 -8.01
N ARG A 279 -34.26 -20.50 -6.83
CA ARG A 279 -33.52 -19.26 -6.53
C ARG A 279 -32.61 -18.94 -7.71
N TYR A 280 -32.11 -19.98 -8.36
CA TYR A 280 -31.57 -19.88 -9.70
C TYR A 280 -32.66 -20.25 -10.69
N GLU A 281 -33.41 -21.30 -10.38
CA GLU A 281 -34.50 -21.76 -11.25
C GLU A 281 -35.23 -20.58 -11.91
N ALA A 282 -35.87 -19.73 -11.12
CA ALA A 282 -36.48 -18.50 -11.64
C ALA A 282 -35.53 -17.74 -12.57
N VAL A 283 -34.24 -17.75 -12.25
CA VAL A 283 -33.22 -17.16 -13.13
C VAL A 283 -33.41 -17.69 -14.55
N GLY A 284 -32.94 -18.91 -14.81
CA GLY A 284 -33.09 -19.60 -16.09
C GLY A 284 -34.47 -19.42 -16.69
N ALA A 285 -35.50 -19.42 -15.84
CA ALA A 285 -36.87 -19.06 -16.22
C ALA A 285 -36.85 -17.73 -16.96
N ALA A 286 -36.91 -16.62 -16.22
CA ALA A 286 -36.66 -15.30 -16.80
C ALA A 286 -35.86 -15.50 -18.09
N LYS A 287 -34.60 -15.91 -17.97
CA LYS A 287 -33.73 -16.25 -19.11
C LYS A 287 -34.55 -16.73 -20.31
N LYS A 288 -34.77 -18.04 -20.43
CA LYS A 288 -35.63 -18.60 -21.49
C LYS A 288 -36.82 -17.67 -21.82
N LYS A 289 -37.81 -17.66 -20.92
CA LYS A 289 -39.03 -16.85 -21.06
C LYS A 289 -38.83 -15.55 -21.84
N ALA A 290 -38.16 -14.59 -21.22
CA ALA A 290 -37.94 -13.28 -21.82
C ALA A 290 -37.12 -13.35 -23.11
N ILE A 291 -35.90 -13.88 -23.04
CA ILE A 291 -35.06 -14.05 -24.23
C ILE A 291 -35.94 -14.24 -25.46
N ALA A 292 -36.90 -15.17 -25.34
CA ALA A 292 -38.03 -15.29 -26.26
C ALA A 292 -38.83 -13.96 -26.29
N ALA A 293 -39.97 -13.90 -25.60
CA ALA A 293 -40.81 -12.69 -25.54
C ALA A 293 -39.99 -11.37 -25.63
N LEU A 294 -39.87 -10.86 -26.86
CA LEU A 294 -38.93 -9.78 -27.21
C LEU A 294 -37.49 -10.30 -27.29
N GLY A 295 -36.82 -9.98 -28.40
CA GLY A 295 -35.48 -10.50 -28.69
C GLY A 295 -35.16 -10.46 -30.17
N LEU A 296 -35.09 -9.24 -30.71
CA LEU A 296 -34.73 -9.03 -32.11
C LEU A 296 -35.68 -9.77 -33.00
N SER A 297 -35.97 -11.02 -32.61
CA SER A 297 -37.00 -11.84 -33.26
C SER A 297 -36.47 -12.27 -34.63
N ASP A 298 -37.02 -13.30 -35.29
CA ASP A 298 -38.02 -14.27 -34.79
C ASP A 298 -39.16 -13.77 -33.89
N GLU A 299 -40.21 -13.15 -34.44
CA GLU A 299 -40.31 -12.85 -35.86
C GLU A 299 -39.23 -11.80 -36.25
N ASN A 300 -39.34 -10.50 -35.95
CA ASN A 300 -40.44 -9.71 -35.33
C ASN A 300 -39.82 -8.40 -34.80
N PRO A 301 -39.01 -7.70 -35.64
CA PRO A 301 -37.99 -6.72 -35.21
C PRO A 301 -37.85 -6.44 -33.70
N THR A 302 -38.74 -5.59 -33.17
CA THR A 302 -38.75 -5.25 -31.75
C THR A 302 -38.94 -6.51 -30.88
N GLY A 303 -38.14 -6.65 -29.82
CA GLY A 303 -37.17 -5.62 -29.42
C GLY A 303 -35.74 -5.82 -29.89
N TYR A 304 -34.81 -5.65 -28.95
CA TYR A 304 -33.36 -5.68 -29.23
C TYR A 304 -32.81 -7.10 -29.44
N ASP A 305 -31.66 -7.19 -30.09
CA ASP A 305 -31.02 -8.47 -30.41
C ASP A 305 -30.70 -9.28 -29.15
N PRO A 306 -30.86 -10.61 -29.21
CA PRO A 306 -30.56 -11.48 -28.07
C PRO A 306 -29.16 -11.30 -27.48
N LEU A 307 -28.31 -10.55 -28.18
CA LEU A 307 -27.00 -10.15 -27.70
C LEU A 307 -27.13 -9.17 -26.51
N LYS A 308 -27.41 -7.91 -26.83
CA LYS A 308 -27.52 -6.83 -25.83
C LYS A 308 -28.67 -7.05 -24.83
N LEU A 309 -29.49 -8.08 -25.06
CA LEU A 309 -30.62 -8.39 -24.19
C LEU A 309 -30.16 -9.11 -22.92
N GLY A 310 -28.95 -9.65 -22.97
CA GLY A 310 -28.31 -10.17 -21.75
C GLY A 310 -28.16 -9.03 -20.76
N ALA A 311 -27.22 -8.14 -21.07
CA ALA A 311 -26.97 -6.94 -20.28
C ALA A 311 -28.20 -6.45 -19.53
N ILE A 312 -29.31 -6.27 -20.24
CA ILE A 312 -30.52 -5.73 -19.62
C ILE A 312 -30.91 -6.57 -18.39
N PHE A 313 -31.05 -7.89 -18.57
CA PHE A 313 -31.35 -8.81 -17.47
C PHE A 313 -30.32 -8.71 -16.33
N LYS A 314 -29.03 -8.74 -16.71
CA LYS A 314 -27.93 -8.53 -15.79
C LYS A 314 -28.19 -7.28 -14.96
N GLU A 315 -28.41 -6.17 -15.68
CA GLU A 315 -28.71 -4.88 -15.08
C GLU A 315 -29.91 -5.01 -14.19
N LEU A 316 -30.92 -5.72 -14.66
CA LEU A 316 -32.21 -5.74 -14.00
C LEU A 316 -32.14 -6.48 -12.69
N GLU A 317 -31.33 -7.53 -12.63
CA GLU A 317 -31.11 -8.27 -11.40
C GLU A 317 -30.67 -7.29 -10.36
N ALA A 318 -29.72 -6.42 -10.73
CA ALA A 318 -29.24 -5.40 -9.83
C ALA A 318 -30.41 -4.64 -9.20
N ASP A 319 -31.10 -3.88 -10.05
CA ASP A 319 -32.22 -3.01 -9.65
C ASP A 319 -33.21 -3.70 -8.70
N VAL A 320 -33.31 -5.03 -8.81
CA VAL A 320 -34.18 -5.85 -7.97
C VAL A 320 -33.55 -6.17 -6.61
N VAL A 321 -32.36 -6.77 -6.65
CA VAL A 321 -31.63 -7.11 -5.46
C VAL A 321 -31.46 -5.88 -4.58
N ARG A 322 -31.09 -4.78 -5.23
CA ARG A 322 -30.77 -3.53 -4.57
C ARG A 322 -31.96 -2.93 -3.84
N ARG A 323 -33.12 -2.84 -4.49
CA ARG A 323 -34.29 -2.38 -3.78
C ARG A 323 -34.42 -3.25 -2.52
N GLY A 324 -34.45 -4.57 -2.72
CA GLY A 324 -34.61 -5.55 -1.65
C GLY A 324 -33.70 -5.41 -0.44
N ILE A 325 -32.67 -4.60 -0.55
CA ILE A 325 -31.64 -4.51 0.48
C ILE A 325 -31.77 -3.19 1.22
N LEU A 326 -32.47 -2.25 0.62
CA LEU A 326 -32.70 -0.99 1.29
C LEU A 326 -33.92 -1.13 2.19
N ASP A 327 -34.96 -1.79 1.66
CA ASP A 327 -36.08 -2.24 2.47
C ASP A 327 -35.82 -3.68 2.94
N THR A 328 -35.52 -3.79 4.23
CA THR A 328 -34.82 -4.92 4.89
C THR A 328 -33.35 -4.94 4.52
N GLY A 329 -32.49 -4.75 5.51
CA GLY A 329 -31.07 -5.08 5.36
C GLY A 329 -30.94 -6.58 5.18
N LEU A 330 -31.61 -7.10 4.15
CA LEU A 330 -31.57 -8.52 3.82
C LEU A 330 -30.93 -8.77 2.46
N ARG A 331 -29.73 -9.35 2.54
CA ARG A 331 -28.89 -9.60 1.39
C ARG A 331 -29.24 -10.94 0.72
N ILE A 332 -28.40 -11.34 -0.25
CA ILE A 332 -28.59 -12.60 -0.97
C ILE A 332 -28.44 -13.77 -0.01
N ASP A 333 -27.31 -13.79 0.70
CA ASP A 333 -27.04 -14.80 1.73
C ASP A 333 -28.01 -14.68 2.90
N GLY A 334 -28.92 -13.70 2.84
CA GLY A 334 -29.97 -13.50 3.84
C GLY A 334 -29.48 -12.88 5.14
N ARG A 335 -28.33 -12.21 5.10
CA ARG A 335 -27.82 -11.53 6.29
C ARG A 335 -27.93 -10.01 6.22
N ASP A 336 -27.86 -9.35 7.37
CA ASP A 336 -28.04 -7.89 7.46
C ASP A 336 -26.80 -7.09 7.12
N VAL A 337 -27.02 -5.99 6.40
CA VAL A 337 -25.96 -5.08 5.95
C VAL A 337 -24.80 -4.89 6.94
N LYS A 338 -25.07 -5.07 8.22
CA LYS A 338 -24.04 -4.91 9.20
C LYS A 338 -23.32 -6.23 9.49
N THR A 339 -23.96 -7.35 9.26
CA THR A 339 -23.43 -8.66 9.73
C THR A 339 -22.23 -9.24 8.98
N VAL A 340 -21.06 -9.23 9.62
CA VAL A 340 -19.87 -9.90 9.05
C VAL A 340 -20.00 -11.45 9.03
N ARG A 341 -19.25 -12.08 8.16
CA ARG A 341 -19.33 -13.53 8.00
C ARG A 341 -18.52 -14.27 9.07
N PRO A 342 -18.83 -15.57 9.29
CA PRO A 342 -18.06 -16.46 10.14
C PRO A 342 -16.61 -16.37 9.84
N ILE A 343 -15.80 -16.09 10.83
CA ILE A 343 -14.36 -16.15 10.63
C ILE A 343 -13.81 -17.37 11.36
N LEU A 344 -12.69 -17.90 10.86
CA LEU A 344 -11.88 -18.80 11.62
C LEU A 344 -10.42 -18.59 11.26
N GLY A 345 -9.67 -18.06 12.23
CA GLY A 345 -8.21 -18.00 12.15
C GLY A 345 -7.58 -19.34 12.50
N GLU A 346 -6.27 -19.46 12.28
CA GLU A 346 -5.56 -20.71 12.53
C GLU A 346 -4.10 -20.44 12.24
N VAL A 347 -3.27 -20.61 13.27
CA VAL A 347 -1.85 -20.33 13.13
C VAL A 347 -1.08 -21.63 13.03
N GLY A 348 0.22 -21.53 12.68
CA GLY A 348 1.15 -22.66 12.57
C GLY A 348 0.59 -23.95 11.97
N ILE A 349 -0.28 -23.78 10.98
CA ILE A 349 -0.72 -24.88 10.12
C ILE A 349 0.42 -24.97 9.15
N LEU A 350 0.98 -26.17 9.06
CA LEU A 350 2.33 -26.33 8.49
C LEU A 350 3.32 -25.47 9.26
N PRO A 351 3.89 -26.08 10.31
CA PRO A 351 5.00 -25.51 11.04
C PRO A 351 6.18 -25.66 10.11
N ARG A 352 7.40 -25.57 10.61
CA ARG A 352 8.57 -25.55 9.71
C ARG A 352 8.67 -24.24 8.95
N THR A 353 7.55 -23.70 8.52
CA THR A 353 7.55 -22.45 7.78
C THR A 353 7.51 -21.30 8.76
N HIS A 354 8.51 -20.42 8.67
CA HIS A 354 8.75 -19.42 9.71
C HIS A 354 7.51 -18.81 10.37
N GLY A 355 6.42 -18.72 9.62
CA GLY A 355 5.13 -18.33 10.20
C GLY A 355 4.03 -18.60 9.20
N SER A 356 3.00 -19.31 9.65
CA SER A 356 1.94 -19.76 8.77
C SER A 356 0.56 -19.49 9.33
N ALA A 357 -0.42 -19.30 8.47
CA ALA A 357 -1.75 -18.96 8.92
C ALA A 357 -2.75 -19.35 7.88
N LEU A 358 -3.88 -19.83 8.33
CA LEU A 358 -4.91 -20.14 7.43
C LEU A 358 -6.08 -19.32 7.91
N PHE A 359 -6.02 -18.01 7.67
CA PHE A 359 -7.22 -17.19 7.85
C PHE A 359 -8.36 -17.55 6.87
N THR A 360 -9.62 -17.52 7.29
CA THR A 360 -10.75 -17.94 6.43
C THR A 360 -11.98 -17.20 6.89
N ARG A 361 -12.84 -16.80 5.95
CA ARG A 361 -13.97 -15.93 6.27
C ARG A 361 -15.16 -16.19 5.35
N GLY A 362 -16.19 -16.83 5.89
CA GLY A 362 -17.24 -17.39 5.05
C GLY A 362 -16.61 -18.29 4.01
N GLU A 363 -16.44 -17.74 2.81
CA GLU A 363 -15.85 -18.40 1.64
C GLU A 363 -14.68 -17.58 1.08
N THR A 364 -13.92 -16.93 1.92
CA THR A 364 -12.77 -16.19 1.42
C THR A 364 -11.55 -16.59 2.24
N GLN A 365 -10.93 -17.72 1.94
CA GLN A 365 -9.77 -18.11 2.72
C GLN A 365 -8.40 -17.97 2.05
N ALA A 366 -7.41 -17.55 2.82
CA ALA A 366 -6.05 -17.52 2.37
C ALA A 366 -5.15 -18.35 3.25
N ILE A 367 -4.16 -18.94 2.64
CA ILE A 367 -3.04 -19.48 3.34
C ILE A 367 -2.00 -18.39 3.24
N VAL A 368 -1.41 -18.04 4.38
CA VAL A 368 -0.44 -16.97 4.38
C VAL A 368 0.77 -17.45 5.16
N VAL A 369 1.96 -17.27 4.57
CA VAL A 369 3.14 -17.72 5.24
C VAL A 369 4.29 -16.76 5.14
N ALA A 370 4.89 -16.56 6.31
CA ALA A 370 5.98 -15.63 6.51
C ALA A 370 7.30 -16.33 6.33
N THR A 371 8.32 -15.55 6.01
CA THR A 371 9.64 -16.13 5.77
C THR A 371 10.71 -15.10 6.11
N LEU A 372 11.45 -15.32 7.20
CA LEU A 372 12.53 -14.41 7.55
C LEU A 372 13.78 -14.67 6.73
N GLY A 373 14.46 -13.59 6.38
CA GLY A 373 15.75 -13.70 5.75
C GLY A 373 16.68 -12.56 6.14
N THR A 374 17.82 -12.58 5.47
CA THR A 374 18.94 -11.73 5.76
C THR A 374 18.89 -10.49 4.88
N GLY A 375 20.02 -9.81 4.72
CA GLY A 375 20.06 -8.66 3.84
C GLY A 375 20.29 -9.10 2.42
N ASP A 376 20.85 -10.30 2.28
CA ASP A 376 20.99 -10.93 0.98
C ASP A 376 19.62 -11.16 0.35
N ASP A 377 18.61 -11.27 1.21
CA ASP A 377 17.25 -11.54 0.78
C ASP A 377 16.42 -10.28 0.65
N GLU A 378 17.07 -9.12 0.68
CA GLU A 378 16.36 -7.88 0.36
C GLU A 378 16.30 -7.74 -1.15
N GLN A 379 15.44 -6.86 -1.66
CA GLN A 379 15.24 -6.73 -3.11
C GLN A 379 15.57 -5.35 -3.64
N PHE A 380 16.58 -5.26 -4.52
CA PHE A 380 16.99 -3.97 -5.13
C PHE A 380 15.87 -3.47 -6.02
N ILE A 381 15.40 -2.27 -5.76
CA ILE A 381 14.22 -1.71 -6.44
C ILE A 381 14.77 -0.57 -7.25
N ASP A 382 15.42 -0.91 -8.35
CA ASP A 382 16.12 0.06 -9.14
C ASP A 382 15.14 1.15 -9.63
N ALA A 383 14.83 2.11 -8.75
CA ALA A 383 13.84 3.16 -9.02
C ALA A 383 14.49 4.46 -9.49
N LEU A 384 13.63 5.38 -9.95
CA LEU A 384 14.08 6.63 -10.50
C LEU A 384 14.38 7.58 -9.38
N GLU A 385 13.47 7.66 -8.39
CA GLU A 385 13.74 8.35 -7.12
C GLU A 385 15.22 8.07 -6.79
N GLY A 386 15.49 6.82 -6.44
CA GLY A 386 16.83 6.34 -6.24
C GLY A 386 16.76 4.84 -6.02
N THR A 387 17.59 4.12 -6.76
CA THR A 387 17.63 2.67 -6.64
C THR A 387 17.82 2.37 -5.18
N TYR A 388 16.98 1.49 -4.66
CA TYR A 388 16.95 1.24 -3.22
C TYR A 388 16.57 -0.20 -2.86
N LYS A 389 16.59 -0.55 -1.59
CA LYS A 389 16.42 -1.96 -1.21
C LYS A 389 15.25 -2.14 -0.27
N GLU A 390 14.24 -2.88 -0.72
CA GLU A 390 13.06 -3.14 0.10
C GLU A 390 13.26 -4.40 0.90
N SER A 391 12.87 -4.37 2.15
CA SER A 391 12.98 -5.56 2.97
C SER A 391 11.63 -6.05 3.36
N PHE A 392 10.57 -5.55 2.72
CA PHE A 392 9.25 -6.04 3.07
C PHE A 392 8.44 -6.57 1.88
N LEU A 393 8.31 -7.89 1.81
CA LEU A 393 7.97 -8.53 0.59
C LEU A 393 6.62 -9.26 0.60
N LEU A 394 5.54 -8.51 0.49
CA LEU A 394 4.24 -9.15 0.35
C LEU A 394 4.11 -9.60 -1.08
N HIS A 395 3.84 -10.88 -1.29
CA HIS A 395 3.51 -11.43 -2.59
C HIS A 395 2.16 -12.11 -2.55
N TYR A 396 1.25 -11.61 -3.37
CA TYR A 396 -0.15 -12.07 -3.42
C TYR A 396 -0.37 -12.95 -4.64
N ASN A 397 -1.10 -14.04 -4.46
CA ASN A 397 -1.30 -15.06 -5.49
C ASN A 397 -2.73 -15.57 -5.53
N PHE A 398 -3.44 -15.31 -6.63
CA PHE A 398 -4.86 -15.63 -6.73
C PHE A 398 -5.17 -16.69 -7.81
N PRO A 399 -5.17 -17.98 -7.47
CA PRO A 399 -5.19 -19.01 -8.50
C PRO A 399 -6.62 -19.37 -8.84
N PRO A 400 -6.86 -19.87 -10.05
CA PRO A 400 -8.21 -19.97 -10.59
C PRO A 400 -9.09 -20.89 -9.75
N TYR A 401 -8.52 -21.99 -9.24
CA TYR A 401 -9.27 -22.94 -8.39
C TYR A 401 -9.89 -22.25 -7.22
N SER A 402 -9.39 -21.07 -6.88
CA SER A 402 -9.92 -20.34 -5.75
C SER A 402 -11.34 -19.82 -6.01
N VAL A 403 -11.80 -20.00 -7.25
CA VAL A 403 -13.16 -19.63 -7.57
C VAL A 403 -13.82 -20.71 -8.44
N GLY A 404 -13.19 -21.88 -8.48
CA GLY A 404 -13.78 -22.99 -9.20
C GLY A 404 -13.61 -22.90 -10.70
N GLU A 405 -12.57 -22.21 -11.15
CA GLU A 405 -12.36 -22.14 -12.58
C GLU A 405 -11.01 -22.70 -12.91
N THR A 406 -10.64 -22.60 -14.17
CA THR A 406 -9.37 -23.07 -14.64
C THR A 406 -8.68 -21.90 -15.27
N GLY A 407 -7.35 -21.92 -15.37
CA GLY A 407 -6.65 -21.02 -16.30
C GLY A 407 -5.26 -20.58 -15.90
N ARG A 408 -4.68 -19.63 -16.62
CA ARG A 408 -3.64 -18.74 -16.06
C ARG A 408 -2.54 -19.54 -15.41
N MET A 409 -1.98 -19.05 -14.30
CA MET A 409 -0.91 -19.74 -13.50
C MET A 409 0.51 -19.27 -13.78
N GLY A 410 1.10 -18.60 -12.78
CA GLY A 410 2.42 -17.96 -12.89
C GLY A 410 2.27 -16.52 -13.31
N SER A 411 3.38 -15.83 -13.52
CA SER A 411 3.35 -14.46 -14.05
C SER A 411 2.16 -13.61 -13.51
N PRO A 412 2.14 -13.31 -12.21
CA PRO A 412 1.05 -12.57 -11.58
C PRO A 412 0.58 -11.32 -12.34
N GLY A 413 -0.72 -11.04 -12.27
CA GLY A 413 -1.36 -10.00 -13.07
C GLY A 413 -1.33 -8.62 -12.46
N ARG A 414 -2.03 -7.66 -13.08
CA ARG A 414 -2.17 -6.33 -12.51
C ARG A 414 -2.91 -6.34 -11.17
N ARG A 415 -4.00 -7.05 -11.05
CA ARG A 415 -4.64 -7.03 -9.73
C ARG A 415 -3.84 -7.82 -8.72
N GLU A 416 -3.40 -9.01 -9.08
CA GLU A 416 -2.60 -9.84 -8.19
C GLU A 416 -1.53 -8.99 -7.56
N ILE A 417 -1.03 -8.03 -8.34
CA ILE A 417 -0.08 -7.09 -7.80
C ILE A 417 -0.73 -5.95 -7.01
N GLY A 418 -1.75 -5.32 -7.56
CA GLY A 418 -2.40 -4.27 -6.81
C GLY A 418 -2.92 -4.69 -5.44
N HIS A 419 -3.20 -5.97 -5.26
CA HIS A 419 -3.84 -6.44 -4.06
C HIS A 419 -2.80 -6.69 -3.05
N GLY A 420 -1.79 -7.42 -3.48
CA GLY A 420 -0.66 -7.66 -2.61
C GLY A 420 -0.02 -6.37 -2.21
N LYS A 421 -0.22 -5.31 -2.99
CA LYS A 421 0.24 -4.02 -2.59
C LYS A 421 -0.72 -3.44 -1.57
N LEU A 422 -2.00 -3.39 -1.93
CA LEU A 422 -3.04 -2.94 -1.01
C LEU A 422 -2.84 -3.52 0.37
N ALA A 423 -2.52 -4.82 0.46
CA ALA A 423 -2.26 -5.46 1.76
C ALA A 423 -0.98 -5.00 2.44
N TRP A 424 0.08 -4.97 1.67
CA TRP A 424 1.35 -4.42 2.11
C TRP A 424 1.26 -2.99 2.53
N ARG A 425 0.34 -2.25 1.93
CA ARG A 425 0.20 -0.85 2.30
C ARG A 425 -0.46 -0.82 3.66
N ALA A 426 -1.07 -1.94 4.02
CA ALA A 426 -1.87 -2.04 5.23
C ALA A 426 -1.14 -2.76 6.37
N LEU A 427 0.14 -2.99 6.17
CA LEU A 427 0.93 -3.62 7.19
C LEU A 427 2.23 -2.86 7.44
N ARG A 428 2.73 -2.16 6.43
CA ARG A 428 4.04 -1.56 6.59
C ARG A 428 4.04 -0.61 7.79
N PRO A 429 2.91 0.04 8.05
CA PRO A 429 2.80 0.86 9.23
C PRO A 429 3.13 0.12 10.54
N MET A 430 2.51 -1.03 10.78
CA MET A 430 2.66 -1.75 12.05
C MET A 430 3.87 -2.66 12.10
N LEU A 431 4.97 -2.21 11.52
CA LEU A 431 6.14 -3.06 11.50
C LEU A 431 7.19 -2.64 12.50
N PRO A 432 7.85 -3.61 13.16
CA PRO A 432 9.00 -3.31 14.01
C PRO A 432 10.13 -2.75 13.17
N THR A 433 10.94 -1.85 13.74
CA THR A 433 11.99 -1.20 12.98
C THR A 433 13.11 -2.17 12.78
N LYS A 434 13.91 -1.97 11.74
CA LYS A 434 15.11 -2.78 11.54
C LYS A 434 16.01 -2.70 12.79
N GLU A 435 15.67 -1.75 13.67
CA GLU A 435 16.28 -1.62 14.98
C GLU A 435 15.81 -2.73 15.94
N ASP A 436 14.50 -2.83 16.17
CA ASP A 436 13.93 -3.90 17.03
C ASP A 436 14.07 -5.30 16.45
N PHE A 437 13.99 -5.37 15.12
CA PHE A 437 13.80 -6.61 14.40
C PHE A 437 14.41 -6.42 13.01
N PRO A 438 15.63 -6.93 12.81
CA PRO A 438 16.46 -6.70 11.62
C PRO A 438 16.35 -7.79 10.54
N TYR A 439 15.12 -8.07 10.11
CA TYR A 439 14.88 -9.13 9.18
C TYR A 439 14.25 -8.61 7.90
N THR A 440 13.84 -9.53 7.02
CA THR A 440 13.35 -9.14 5.71
C THR A 440 12.01 -9.75 5.36
N ILE A 441 11.52 -10.67 6.19
CA ILE A 441 10.10 -11.13 6.14
C ILE A 441 9.36 -11.10 4.80
N ARG A 442 9.17 -12.27 4.19
CA ARG A 442 8.49 -12.32 2.89
C ARG A 442 7.00 -12.26 2.99
N LEU A 443 6.33 -13.39 3.10
CA LEU A 443 4.86 -13.32 3.10
C LEU A 443 4.25 -13.44 1.70
N VAL A 444 3.93 -14.65 1.32
CA VAL A 444 3.10 -14.87 0.17
C VAL A 444 1.75 -15.18 0.75
N SER A 445 0.72 -14.82 0.00
CA SER A 445 -0.61 -15.06 0.44
C SER A 445 -1.25 -15.80 -0.72
N GLU A 446 -1.66 -17.04 -0.47
CA GLU A 446 -2.23 -17.83 -1.50
C GLU A 446 -3.71 -17.92 -1.24
N ILE A 447 -4.50 -17.24 -2.05
CA ILE A 447 -5.94 -17.29 -1.88
C ILE A 447 -6.45 -18.66 -2.30
N THR A 448 -7.10 -19.38 -1.40
CA THR A 448 -7.52 -20.72 -1.78
C THR A 448 -9.01 -20.70 -2.01
N GLU A 449 -9.61 -19.63 -1.50
CA GLU A 449 -11.04 -19.39 -1.66
C GLU A 449 -11.35 -17.90 -1.77
N SER A 450 -12.09 -17.50 -2.78
CA SER A 450 -12.48 -16.10 -2.84
C SER A 450 -13.98 -16.01 -2.98
N ASN A 451 -14.53 -14.90 -2.50
CA ASN A 451 -15.93 -14.61 -2.61
C ASN A 451 -16.15 -13.29 -1.92
N GLY A 452 -15.18 -12.89 -1.13
CA GLY A 452 -15.23 -11.64 -0.39
C GLY A 452 -13.88 -11.10 -0.68
N SER A 453 -13.42 -10.11 0.06
CA SER A 453 -12.11 -9.55 -0.29
C SER A 453 -10.96 -10.39 0.14
N SER A 454 -10.40 -11.12 -0.80
CA SER A 454 -9.21 -11.88 -0.52
C SER A 454 -8.10 -10.90 -0.11
N SER A 455 -8.01 -9.78 -0.82
CA SER A 455 -7.07 -8.70 -0.49
C SER A 455 -7.11 -8.30 0.99
N MET A 456 -8.31 -8.28 1.59
CA MET A 456 -8.43 -8.05 3.04
C MET A 456 -8.07 -9.28 3.82
N ALA A 457 -8.71 -10.40 3.47
CA ALA A 457 -8.38 -11.72 4.03
C ALA A 457 -6.88 -12.03 4.06
N THR A 458 -6.14 -11.54 3.06
CA THR A 458 -4.69 -11.71 3.03
C THR A 458 -4.08 -10.98 4.21
N VAL A 459 -4.45 -9.71 4.42
CA VAL A 459 -3.71 -8.86 5.40
C VAL A 459 -3.88 -9.43 6.79
N CYS A 460 -5.14 -9.76 7.10
CA CYS A 460 -5.53 -10.35 8.36
C CYS A 460 -4.68 -11.57 8.61
N GLY A 461 -4.75 -12.48 7.67
CA GLY A 461 -3.92 -13.67 7.70
C GLY A 461 -2.43 -13.42 7.83
N SER A 462 -1.95 -12.35 7.23
CA SER A 462 -0.53 -12.00 7.38
C SER A 462 -0.25 -11.58 8.83
N SER A 463 -1.02 -10.58 9.29
CA SER A 463 -0.95 -10.08 10.66
C SER A 463 -0.80 -11.27 11.62
N LEU A 464 -1.63 -12.30 11.40
CA LEU A 464 -1.48 -13.61 12.08
C LEU A 464 -0.17 -14.29 11.68
N ALA A 465 -0.08 -14.84 10.48
CA ALA A 465 1.14 -15.56 10.08
C ALA A 465 2.47 -14.91 10.53
N MET A 466 2.44 -13.61 10.72
CA MET A 466 3.64 -12.92 11.12
C MET A 466 3.93 -13.02 12.60
N MET A 467 2.91 -12.92 13.44
CA MET A 467 3.08 -13.13 14.89
C MET A 467 3.60 -14.54 15.13
N ASP A 468 2.89 -15.53 14.61
CA ASP A 468 3.41 -16.90 14.58
C ASP A 468 4.89 -17.03 14.19
N ALA A 469 5.36 -16.16 13.32
CA ALA A 469 6.73 -16.23 12.82
C ALA A 469 7.66 -15.69 13.86
N GLY A 470 7.14 -14.81 14.73
CA GLY A 470 7.89 -14.20 15.82
C GLY A 470 8.16 -12.72 15.64
N VAL A 471 7.15 -12.00 15.16
CA VAL A 471 7.37 -10.60 14.76
C VAL A 471 6.77 -9.61 15.76
N PRO A 472 7.60 -8.63 16.19
CA PRO A 472 7.14 -7.54 17.03
C PRO A 472 6.21 -6.61 16.25
N LEU A 473 5.16 -7.19 15.68
CA LEU A 473 4.14 -6.35 15.11
C LEU A 473 3.61 -5.51 16.30
N VAL A 474 3.90 -4.22 16.23
CA VAL A 474 3.54 -3.29 17.29
C VAL A 474 2.06 -3.40 17.73
N ARG A 475 1.21 -3.82 16.80
CA ARG A 475 -0.16 -4.20 17.12
C ARG A 475 -0.59 -5.06 15.97
N PRO A 476 -1.72 -5.77 16.10
CA PRO A 476 -2.25 -6.52 15.00
C PRO A 476 -3.24 -5.68 14.18
N VAL A 477 -3.45 -6.10 12.92
CA VAL A 477 -4.28 -5.35 11.96
C VAL A 477 -5.33 -6.21 11.28
N SER A 478 -6.52 -5.62 11.14
CA SER A 478 -7.65 -6.27 10.52
C SER A 478 -7.96 -5.56 9.22
N GLY A 479 -8.85 -6.16 8.45
CA GLY A 479 -9.40 -5.44 7.32
C GLY A 479 -10.78 -5.91 6.98
N ILE A 480 -11.58 -4.98 6.50
CA ILE A 480 -12.87 -5.38 5.97
C ILE A 480 -13.14 -4.82 4.57
N ALA A 481 -13.66 -5.69 3.71
CA ALA A 481 -14.30 -5.28 2.47
C ALA A 481 -15.64 -4.58 2.71
N MET A 482 -15.91 -3.49 2.01
CA MET A 482 -17.17 -2.78 2.22
C MET A 482 -17.91 -2.35 0.96
N GLY A 483 -19.25 -2.29 1.03
CA GLY A 483 -20.09 -1.85 -0.09
C GLY A 483 -20.99 -0.65 0.22
N LEU A 484 -21.86 -0.27 -0.74
CA LEU A 484 -22.71 0.92 -0.62
C LEU A 484 -23.75 1.10 -1.72
N ILE A 485 -24.95 0.54 -1.52
CA ILE A 485 -26.05 0.76 -2.44
C ILE A 485 -26.57 2.13 -2.15
N LEU A 486 -26.84 2.93 -3.17
CA LEU A 486 -27.27 4.32 -2.94
C LEU A 486 -28.34 4.85 -3.89
N GLU A 487 -29.53 5.11 -3.34
CA GLU A 487 -30.56 5.80 -4.12
C GLU A 487 -30.80 7.22 -3.58
N GLN A 488 -31.51 8.03 -4.37
CA GLN A 488 -31.79 9.42 -4.00
C GLN A 488 -32.41 9.49 -2.60
N ASP A 489 -33.25 8.50 -2.31
CA ASP A 489 -33.99 8.41 -1.05
C ASP A 489 -33.19 7.82 0.11
N GLY A 490 -32.98 6.52 0.07
CA GLY A 490 -32.23 5.78 1.08
C GLY A 490 -30.97 5.13 0.54
N PHE A 491 -30.38 4.26 1.34
CA PHE A 491 -29.11 3.62 1.00
C PHE A 491 -28.62 2.73 2.13
N ALA A 492 -27.82 1.72 1.77
CA ALA A 492 -27.27 0.75 2.71
C ALA A 492 -25.80 0.79 2.62
N VAL A 493 -25.15 0.46 3.73
CA VAL A 493 -23.69 0.26 3.79
C VAL A 493 -23.50 -1.20 4.16
N LEU A 494 -22.88 -1.97 3.26
CA LEU A 494 -22.68 -3.41 3.44
C LEU A 494 -21.35 -3.71 4.08
N SER A 495 -21.40 -4.50 5.13
CA SER A 495 -20.21 -4.89 5.79
C SER A 495 -19.81 -6.22 5.18
N ASP A 496 -18.51 -6.41 4.99
CA ASP A 496 -17.95 -7.66 4.49
C ASP A 496 -18.69 -8.21 3.26
N ILE A 497 -18.51 -7.55 2.12
CA ILE A 497 -19.31 -7.86 0.94
C ILE A 497 -18.84 -9.11 0.22
N LEU A 498 -19.78 -9.72 -0.49
CA LEU A 498 -19.51 -10.81 -1.40
C LEU A 498 -18.88 -10.36 -2.72
N GLY A 499 -18.55 -11.34 -3.55
CA GLY A 499 -18.04 -11.06 -4.86
C GLY A 499 -19.16 -10.37 -5.61
N ASP A 500 -20.37 -10.88 -5.43
CA ASP A 500 -21.51 -10.31 -6.17
C ASP A 500 -21.79 -8.90 -5.68
N GLU A 501 -21.84 -8.74 -4.36
CA GLU A 501 -22.24 -7.49 -3.76
C GLU A 501 -21.42 -6.32 -4.27
N ASP A 502 -20.22 -6.61 -4.73
CA ASP A 502 -19.37 -5.57 -5.28
C ASP A 502 -19.87 -5.16 -6.65
N HIS A 503 -20.02 -6.15 -7.50
CA HIS A 503 -20.52 -5.96 -8.86
C HIS A 503 -21.91 -5.34 -8.94
N LEU A 504 -22.38 -4.78 -7.82
CA LEU A 504 -23.67 -4.07 -7.77
C LEU A 504 -23.64 -2.81 -6.91
N GLY A 505 -22.75 -2.74 -5.95
CA GLY A 505 -22.68 -1.54 -5.11
C GLY A 505 -22.23 -0.35 -5.91
N ASP A 506 -22.59 0.86 -5.48
CA ASP A 506 -22.17 2.09 -6.18
C ASP A 506 -20.84 2.57 -5.65
N MET A 507 -20.32 1.86 -4.67
CA MET A 507 -19.03 2.18 -4.08
C MET A 507 -18.57 0.94 -3.37
N ASP A 508 -17.27 0.74 -3.36
CA ASP A 508 -16.69 -0.40 -2.71
C ASP A 508 -15.33 0.01 -2.20
N PHE A 509 -14.91 -0.61 -1.12
CA PHE A 509 -13.75 -0.09 -0.41
C PHE A 509 -13.29 -0.99 0.69
N LYS A 510 -12.00 -0.92 0.90
CA LYS A 510 -11.35 -1.77 1.84
C LYS A 510 -10.75 -0.85 2.89
N VAL A 511 -11.11 -1.13 4.14
CA VAL A 511 -10.58 -0.40 5.28
C VAL A 511 -9.68 -1.35 6.04
N ALA A 512 -8.49 -0.86 6.36
CA ALA A 512 -7.52 -1.63 7.12
C ALA A 512 -6.86 -0.76 8.17
N GLY A 513 -6.65 -1.36 9.33
CA GLY A 513 -5.91 -0.74 10.40
C GLY A 513 -6.01 -1.51 11.70
N THR A 514 -5.57 -0.85 12.76
CA THR A 514 -5.55 -1.42 14.09
C THR A 514 -6.65 -0.78 14.89
N SER A 515 -6.65 -1.08 16.18
CA SER A 515 -7.68 -0.57 17.07
C SER A 515 -7.27 0.78 17.68
N GLU A 516 -6.28 1.42 17.07
CA GLU A 516 -5.92 2.78 17.45
C GLU A 516 -5.79 3.70 16.23
N GLY A 517 -6.53 3.38 15.18
CA GLY A 517 -6.48 4.14 13.94
C GLY A 517 -6.44 3.26 12.70
N LEU A 518 -6.15 3.88 11.56
CA LEU A 518 -6.15 3.22 10.24
C LEU A 518 -4.78 3.00 9.68
N THR A 519 -4.60 1.86 9.03
CA THR A 519 -3.33 1.59 8.41
C THR A 519 -3.40 1.77 6.89
N SER A 520 -4.52 1.41 6.27
CA SER A 520 -4.75 1.67 4.86
C SER A 520 -6.21 1.78 4.57
N LEU A 521 -6.53 2.74 3.72
CA LEU A 521 -7.87 2.85 3.18
C LEU A 521 -7.77 2.84 1.68
N GLN A 522 -8.56 1.98 1.05
CA GLN A 522 -8.68 2.03 -0.40
C GLN A 522 -10.12 2.16 -0.70
N MET A 523 -10.45 3.02 -1.66
CA MET A 523 -11.81 3.13 -2.11
C MET A 523 -11.93 3.15 -3.63
N ASP A 524 -13.09 2.69 -4.12
CA ASP A 524 -13.47 2.89 -5.53
C ASP A 524 -14.97 3.17 -5.71
N ILE A 525 -15.30 4.42 -6.00
CA ILE A 525 -16.68 4.92 -6.20
C ILE A 525 -17.08 4.82 -7.67
N LYS A 526 -18.36 4.66 -7.95
CA LYS A 526 -18.81 4.56 -9.34
C LYS A 526 -19.73 5.72 -9.74
N ILE A 527 -20.37 6.35 -8.73
CA ILE A 527 -21.37 7.44 -8.94
C ILE A 527 -21.19 8.61 -7.97
N ALA A 528 -21.65 9.79 -8.39
CA ALA A 528 -21.53 10.99 -7.55
C ALA A 528 -22.57 10.96 -6.45
N GLY A 529 -22.23 11.55 -5.29
CA GLY A 529 -23.25 11.76 -4.25
C GLY A 529 -22.87 11.29 -2.87
N ILE A 530 -21.64 10.83 -2.78
CA ILE A 530 -21.13 10.29 -1.53
C ILE A 530 -20.64 11.46 -0.71
N THR A 531 -21.61 12.08 -0.04
CA THR A 531 -21.34 13.19 0.85
C THR A 531 -20.40 12.69 1.92
N PRO A 532 -19.56 13.61 2.44
CA PRO A 532 -18.63 13.28 3.52
C PRO A 532 -19.39 12.74 4.72
N ALA A 533 -20.64 13.17 4.88
CA ALA A 533 -21.54 12.57 5.85
C ALA A 533 -21.76 11.06 5.62
N ILE A 534 -22.05 10.67 4.35
CA ILE A 534 -22.26 9.24 4.05
C ILE A 534 -20.99 8.43 4.21
N MET A 535 -19.87 9.09 3.97
CA MET A 535 -18.57 8.45 4.05
C MET A 535 -18.21 8.05 5.46
N GLU A 536 -18.28 9.02 6.37
CA GLU A 536 -17.93 8.82 7.76
C GLU A 536 -18.79 7.70 8.38
N GLN A 537 -20.10 7.74 8.10
CA GLN A 537 -21.03 6.70 8.54
C GLN A 537 -20.57 5.34 8.05
N ALA A 538 -19.87 5.36 6.91
CA ALA A 538 -19.41 4.18 6.24
C ALA A 538 -18.21 3.59 6.97
N LEU A 539 -17.15 4.38 7.14
CA LEU A 539 -15.98 3.91 7.91
C LEU A 539 -16.34 3.61 9.35
N ALA A 540 -17.36 4.32 9.85
CA ALA A 540 -17.95 4.06 11.14
C ALA A 540 -18.20 2.59 11.24
N GLN A 541 -19.06 2.10 10.32
CA GLN A 541 -19.46 0.69 10.29
C GLN A 541 -18.25 -0.17 10.07
N ALA A 542 -17.36 0.30 9.20
CA ALA A 542 -16.14 -0.42 8.94
C ALA A 542 -15.31 -0.55 10.22
N LYS A 543 -15.24 0.53 10.99
CA LYS A 543 -14.53 0.50 12.27
C LYS A 543 -15.08 -0.62 13.14
N GLU A 544 -16.41 -0.75 13.12
CA GLU A 544 -17.11 -1.79 13.88
C GLU A 544 -16.70 -3.16 13.36
N GLY A 545 -16.98 -3.39 12.07
CA GLY A 545 -16.58 -4.63 11.43
C GLY A 545 -15.13 -5.05 11.67
N ARG A 546 -14.19 -4.18 11.31
CA ARG A 546 -12.77 -4.55 11.32
C ARG A 546 -12.24 -4.82 12.73
N ALA A 547 -12.72 -4.02 13.69
CA ALA A 547 -12.33 -4.25 15.05
C ALA A 547 -13.08 -5.49 15.61
N HIS A 548 -13.88 -6.12 14.77
CA HIS A 548 -14.59 -7.38 15.11
C HIS A 548 -13.86 -8.55 14.53
N ILE A 549 -13.34 -8.35 13.33
CA ILE A 549 -12.59 -9.36 12.61
C ILE A 549 -11.33 -9.49 13.44
N LEU A 550 -10.84 -8.34 13.91
CA LEU A 550 -9.71 -8.31 14.80
C LEU A 550 -9.94 -9.20 16.00
N GLY A 551 -11.16 -9.15 16.51
CA GLY A 551 -11.58 -9.98 17.63
C GLY A 551 -11.23 -11.44 17.46
N GLU A 552 -11.41 -11.94 16.24
CA GLU A 552 -11.24 -13.36 15.98
C GLU A 552 -9.78 -13.70 15.75
N MET A 553 -9.03 -12.72 15.26
CA MET A 553 -7.59 -12.89 15.04
C MET A 553 -6.82 -13.16 16.34
N ASN A 554 -7.20 -12.37 17.35
CA ASN A 554 -6.61 -12.44 18.66
C ASN A 554 -6.88 -13.78 19.28
N LYS A 555 -8.09 -14.31 19.02
CA LYS A 555 -8.46 -15.66 19.43
C LYS A 555 -7.54 -16.72 18.82
N ALA A 556 -6.52 -16.29 18.08
CA ALA A 556 -5.50 -17.23 17.68
C ALA A 556 -4.10 -16.68 17.88
N MET A 557 -4.00 -15.37 18.13
CA MET A 557 -2.68 -14.81 18.53
C MET A 557 -2.65 -13.76 19.64
N ASP A 558 -3.28 -12.62 19.42
CA ASP A 558 -3.26 -11.48 20.37
C ASP A 558 -1.88 -10.85 20.68
N ALA A 559 -0.81 -11.66 20.65
CA ALA A 559 0.57 -11.15 20.68
C ALA A 559 1.53 -12.14 20.02
N PRO A 560 2.63 -11.62 19.42
CA PRO A 560 3.69 -12.41 18.78
C PRO A 560 4.17 -13.56 19.62
N ARG A 561 4.62 -14.63 18.97
CA ARG A 561 5.45 -15.65 19.64
C ARG A 561 6.75 -15.01 20.16
N ALA A 562 7.19 -15.43 21.35
CA ALA A 562 8.38 -14.86 21.99
C ALA A 562 9.55 -14.73 21.00
N ASP A 563 9.89 -15.85 20.37
CA ASP A 563 10.96 -15.91 19.36
C ASP A 563 10.54 -16.44 17.97
N VAL A 564 11.53 -16.87 17.20
CA VAL A 564 11.32 -17.52 15.91
C VAL A 564 11.69 -19.01 15.99
N GLY A 565 11.40 -19.77 14.92
CA GLY A 565 11.79 -21.19 14.83
C GLY A 565 13.25 -21.24 14.42
N ASP A 566 13.99 -22.18 14.99
CA ASP A 566 15.47 -22.26 14.84
C ASP A 566 15.93 -22.40 13.38
N PHE A 567 15.11 -23.04 12.55
CA PHE A 567 15.12 -22.84 11.12
C PHE A 567 13.85 -22.07 10.87
N ALA A 568 13.96 -20.78 10.54
CA ALA A 568 15.21 -20.15 10.16
C ALA A 568 15.84 -19.35 11.29
N PRO A 569 16.56 -18.26 10.95
CA PRO A 569 17.69 -17.88 11.78
C PRO A 569 17.61 -16.48 12.41
N LYS A 570 18.50 -16.22 13.35
CA LYS A 570 18.88 -14.88 13.71
C LYS A 570 20.27 -14.73 13.10
N ILE A 571 20.77 -13.52 12.84
CA ILE A 571 20.07 -12.25 12.92
C ILE A 571 20.02 -11.64 14.33
N GLU A 572 21.14 -11.00 14.69
CA GLU A 572 21.24 -10.10 15.84
C GLU A 572 21.99 -8.82 15.41
N THR A 573 21.63 -7.70 16.01
CA THR A 573 22.08 -6.40 15.54
C THR A 573 22.55 -5.47 16.63
N ILE A 574 23.48 -4.59 16.27
CA ILE A 574 24.14 -3.69 17.22
C ILE A 574 24.69 -2.51 16.47
N ASN A 575 24.92 -1.41 17.19
CA ASN A 575 25.53 -0.21 16.61
C ASN A 575 26.96 0.04 17.05
N ILE A 576 27.75 0.60 16.15
CA ILE A 576 29.09 1.02 16.47
C ILE A 576 29.27 2.48 16.06
N PRO A 577 30.03 3.26 16.86
CA PRO A 577 30.43 4.59 16.42
C PRO A 577 30.93 4.54 14.97
N THR A 578 30.45 5.49 14.16
CA THR A 578 30.64 5.50 12.70
C THR A 578 32.11 5.59 12.29
N ASP A 579 32.87 6.39 13.03
CA ASP A 579 34.29 6.61 12.76
C ASP A 579 35.19 5.40 13.03
N LYS A 580 34.58 4.23 13.26
CA LYS A 580 35.34 2.98 13.46
C LYS A 580 35.33 2.05 12.21
N ILE A 581 34.47 2.39 11.24
CA ILE A 581 34.27 1.64 9.99
C ILE A 581 35.50 0.93 9.40
N ARG A 582 36.53 1.73 9.10
CA ARG A 582 37.75 1.24 8.47
C ARG A 582 38.26 0.04 9.25
N GLU A 583 38.58 0.27 10.53
CA GLU A 583 39.15 -0.74 11.44
C GLU A 583 38.47 -2.11 11.44
N VAL A 584 37.17 -2.14 11.17
CA VAL A 584 36.47 -3.43 11.17
C VAL A 584 36.42 -4.02 9.77
N ILE A 585 36.31 -3.14 8.77
CA ILE A 585 36.35 -3.57 7.39
C ILE A 585 37.77 -3.99 7.04
N GLY A 586 38.74 -3.18 7.42
CA GLY A 586 40.14 -3.40 7.03
C GLY A 586 40.36 -3.10 5.56
N SER A 587 41.62 -3.04 5.16
CA SER A 587 41.95 -2.71 3.78
C SER A 587 41.40 -3.74 2.76
N GLY A 588 40.44 -3.28 1.96
CA GLY A 588 39.80 -4.12 0.94
C GLY A 588 39.08 -5.34 1.50
N GLY A 589 38.59 -5.23 2.73
CA GLY A 589 37.86 -6.31 3.38
C GLY A 589 38.70 -7.25 4.23
N LYS A 590 40.00 -6.98 4.29
CA LYS A 590 40.97 -7.82 5.03
C LYS A 590 40.48 -8.38 6.38
N VAL A 591 39.97 -7.49 7.24
CA VAL A 591 39.56 -7.85 8.60
C VAL A 591 38.18 -8.50 8.62
N ILE A 592 37.22 -7.86 7.94
CA ILE A 592 35.85 -8.36 7.81
C ILE A 592 35.76 -9.83 7.33
N ARG A 593 36.48 -10.17 6.25
CA ARG A 593 36.50 -11.54 5.72
C ARG A 593 37.07 -12.52 6.75
N GLU A 594 38.13 -12.09 7.44
CA GLU A 594 38.75 -12.85 8.52
C GLU A 594 37.77 -13.10 9.66
N ILE A 595 37.01 -12.07 10.02
CA ILE A 595 36.03 -12.17 11.09
C ILE A 595 34.87 -13.13 10.72
N VAL A 596 34.41 -13.01 9.48
CA VAL A 596 33.28 -13.79 8.94
C VAL A 596 33.67 -15.26 8.78
N ALA A 597 34.87 -15.50 8.25
CA ALA A 597 35.41 -16.84 8.07
C ALA A 597 35.53 -17.56 9.41
N THR A 598 36.09 -16.86 10.40
CA THR A 598 36.35 -17.46 11.71
C THR A 598 35.08 -17.76 12.53
N THR A 599 34.29 -16.73 12.82
CA THR A 599 33.10 -16.90 13.68
C THR A 599 31.99 -17.70 13.02
N GLY A 600 32.03 -17.74 11.68
CA GLY A 600 31.02 -18.42 10.88
C GLY A 600 29.73 -17.63 10.75
N ALA A 601 29.79 -16.33 11.04
CA ALA A 601 28.62 -15.47 10.98
C ALA A 601 28.69 -14.42 9.87
N LYS A 602 27.52 -14.07 9.31
CA LYS A 602 27.40 -13.10 8.22
C LYS A 602 27.33 -11.70 8.80
N VAL A 603 28.17 -10.83 8.27
CA VAL A 603 28.31 -9.49 8.82
C VAL A 603 28.20 -8.43 7.75
N ASP A 604 27.59 -7.32 8.15
CA ASP A 604 27.46 -6.16 7.31
C ASP A 604 26.66 -5.18 8.14
N ILE A 605 26.92 -3.88 7.98
CA ILE A 605 27.92 -3.28 7.09
C ILE A 605 27.58 -1.79 7.13
N ASN A 606 26.36 -1.46 6.74
CA ASN A 606 25.87 -0.08 6.58
C ASN A 606 26.88 1.07 6.63
N ASP A 607 26.52 2.11 7.37
CA ASP A 607 27.26 3.37 7.39
C ASP A 607 26.85 4.31 8.53
N ASP A 608 25.63 4.15 9.03
CA ASP A 608 25.21 4.83 10.26
C ASP A 608 25.83 4.09 11.46
N GLY A 609 26.73 3.16 11.15
CA GLY A 609 27.44 2.40 12.17
C GLY A 609 26.63 1.21 12.62
N VAL A 610 25.64 0.82 11.81
CA VAL A 610 24.76 -0.29 12.15
C VAL A 610 25.32 -1.62 11.61
N VAL A 611 25.49 -2.57 12.54
CA VAL A 611 25.94 -3.92 12.23
C VAL A 611 24.84 -4.93 12.48
N LYS A 612 24.56 -5.74 11.48
CA LYS A 612 23.68 -6.87 11.63
C LYS A 612 24.54 -8.13 11.46
N VAL A 613 24.46 -9.02 12.44
CA VAL A 613 25.20 -10.27 12.40
C VAL A 613 24.24 -11.44 12.43
N SER A 614 24.49 -12.44 11.58
CA SER A 614 23.57 -13.57 11.43
C SER A 614 24.24 -14.92 11.23
N ALA A 615 23.54 -15.98 11.63
CA ALA A 615 23.82 -17.40 11.30
C ALA A 615 22.73 -18.25 11.97
N SER A 616 22.87 -19.57 12.02
CA SER A 616 21.86 -20.39 12.71
C SER A 616 22.04 -20.45 14.24
N ASP A 617 23.29 -20.45 14.71
CA ASP A 617 23.64 -20.55 16.14
C ASP A 617 23.69 -19.20 16.87
N GLY A 618 23.23 -19.16 18.12
CA GLY A 618 23.40 -17.99 18.97
C GLY A 618 24.87 -17.85 19.34
N ALA A 619 25.57 -18.98 19.33
CA ALA A 619 26.99 -19.10 19.70
C ALA A 619 27.92 -18.36 18.74
N LYS A 620 27.65 -18.51 17.45
CA LYS A 620 28.44 -17.87 16.40
C LYS A 620 28.17 -16.37 16.40
N ILE A 621 26.92 -15.98 16.61
CA ILE A 621 26.52 -14.57 16.64
C ILE A 621 27.14 -13.83 17.83
N LYS A 622 27.07 -14.44 19.01
CA LYS A 622 27.72 -13.88 20.20
C LYS A 622 29.21 -13.76 19.95
N ALA A 623 29.82 -14.81 19.37
CA ALA A 623 31.24 -14.81 19.06
C ALA A 623 31.60 -13.58 18.25
N ALA A 624 30.90 -13.42 17.14
CA ALA A 624 31.09 -12.28 16.24
C ALA A 624 30.90 -10.94 16.94
N ILE A 625 29.73 -10.76 17.55
CA ILE A 625 29.40 -9.51 18.24
C ILE A 625 30.52 -9.14 19.23
N ASP A 626 30.92 -10.12 20.05
CA ASP A 626 31.92 -9.91 21.11
C ASP A 626 33.27 -9.53 20.51
N TRP A 627 33.61 -10.19 19.41
CA TRP A 627 34.76 -9.83 18.63
C TRP A 627 34.66 -8.38 18.27
N ILE A 628 33.70 -8.03 17.40
CA ILE A 628 33.56 -6.66 16.90
C ILE A 628 33.69 -5.60 18.01
N LYS A 629 33.00 -5.83 19.13
CA LYS A 629 33.04 -4.94 20.30
C LYS A 629 34.46 -4.71 20.84
N SER A 630 35.29 -5.75 20.81
CA SER A 630 36.68 -5.59 21.20
C SER A 630 37.40 -4.57 20.30
N ILE A 631 37.13 -4.60 18.98
CA ILE A 631 37.72 -3.62 18.03
C ILE A 631 37.04 -2.26 18.17
N THR A 632 35.86 -2.28 18.79
CA THR A 632 34.90 -1.20 18.74
C THR A 632 34.87 -0.46 20.07
N ASP A 633 35.06 -1.22 21.15
CA ASP A 633 35.06 -0.72 22.52
C ASP A 633 36.03 0.42 22.76
N GLU A 634 36.21 0.77 24.02
CA GLU A 634 37.08 1.88 24.44
C GLU A 634 36.33 3.20 24.37
N ALA A 635 35.59 3.48 25.45
CA ALA A 635 34.87 4.75 25.64
C ALA A 635 33.89 4.70 26.82
N GLU A 636 33.96 5.67 27.73
CA GLU A 636 34.99 6.73 27.72
C GLU A 636 35.06 7.55 26.41
N ILE A 637 34.13 8.48 26.20
CA ILE A 637 32.97 8.74 27.05
C ILE A 637 33.29 8.94 28.55
N GLY A 638 32.90 7.96 29.37
CA GLY A 638 32.91 8.11 30.81
C GLY A 638 32.09 9.31 31.22
N LYS A 639 30.80 9.14 31.53
CA LYS A 639 30.05 7.87 31.44
C LYS A 639 30.35 6.86 32.55
N ILE A 640 29.64 6.97 33.68
CA ILE A 640 29.74 5.93 34.71
C ILE A 640 29.86 4.56 34.05
N TYR A 641 30.24 3.54 34.82
CA TYR A 641 30.40 2.18 34.33
C TYR A 641 30.43 1.23 35.51
N ASP A 642 30.25 -0.06 35.25
CA ASP A 642 30.44 -1.06 36.29
C ASP A 642 31.79 -1.76 36.11
N GLY A 643 32.18 -2.52 37.13
CA GLY A 643 33.42 -3.31 37.09
C GLY A 643 33.75 -3.95 38.43
N LYS A 644 34.91 -4.58 38.51
CA LYS A 644 35.39 -5.18 39.75
C LYS A 644 36.80 -4.68 40.08
N VAL A 645 37.06 -4.48 41.37
CA VAL A 645 38.41 -4.17 41.82
C VAL A 645 39.30 -5.32 41.31
N VAL A 646 40.51 -5.00 40.90
CA VAL A 646 41.47 -6.02 40.49
C VAL A 646 42.47 -6.16 41.63
N LYS A 647 43.03 -5.03 42.05
CA LYS A 647 43.85 -4.98 43.23
C LYS A 647 43.62 -3.65 43.90
N VAL A 648 43.82 -3.67 45.22
CA VAL A 648 43.65 -2.53 46.10
C VAL A 648 44.97 -2.11 46.70
N VAL A 649 45.11 -0.82 46.98
CA VAL A 649 46.36 -0.38 47.59
C VAL A 649 46.28 0.87 48.44
N ASP A 650 46.92 0.84 49.60
CA ASP A 650 47.06 2.05 50.41
C ASP A 650 47.63 3.10 49.47
N PHE A 651 46.77 3.56 48.56
CA PHE A 651 47.16 4.25 47.34
C PHE A 651 45.87 4.40 46.55
N GLY A 652 44.98 3.42 46.71
CA GLY A 652 43.70 3.41 46.00
C GLY A 652 43.32 2.03 45.50
N ALA A 653 42.62 2.01 44.39
CA ALA A 653 42.07 0.78 43.84
C ALA A 653 42.14 0.79 42.34
N PHE A 654 42.50 -0.36 41.78
CA PHE A 654 42.47 -0.55 40.34
C PHE A 654 41.27 -1.40 40.03
N VAL A 655 40.52 -1.02 39.01
CA VAL A 655 39.32 -1.80 38.68
C VAL A 655 39.14 -2.03 37.17
N ASN A 656 38.00 -2.60 36.79
CA ASN A 656 37.82 -3.01 35.40
C ASN A 656 36.46 -2.65 34.81
N PHE A 657 36.46 -1.74 33.84
CA PHE A 657 35.34 -1.59 32.91
C PHE A 657 35.36 -2.72 31.85
N PHE A 658 36.17 -3.75 32.09
CA PHE A 658 36.40 -4.84 31.11
C PHE A 658 37.35 -4.41 29.99
N GLY A 659 38.04 -5.38 29.41
CA GLY A 659 39.02 -5.11 28.37
C GLY A 659 40.38 -4.76 28.97
N ALA A 660 40.76 -5.47 30.04
CA ALA A 660 41.99 -5.22 30.78
C ALA A 660 42.09 -3.74 31.10
N LYS A 661 42.33 -2.93 30.07
CA LYS A 661 42.37 -1.45 30.11
C LYS A 661 41.73 -0.87 31.36
N ASP A 662 42.23 -1.30 32.52
CA ASP A 662 41.72 -0.90 33.82
C ASP A 662 41.73 0.60 34.02
N GLY A 663 41.33 1.01 35.21
CA GLY A 663 41.49 2.37 35.62
C GLY A 663 41.85 2.42 37.08
N LEU A 664 42.35 3.58 37.54
CA LEU A 664 42.57 3.73 38.96
C LEU A 664 41.60 4.67 39.66
N VAL A 665 41.08 4.16 40.78
CA VAL A 665 40.28 4.93 41.72
C VAL A 665 41.24 5.41 42.77
N HIS A 666 41.68 6.65 42.61
CA HIS A 666 42.67 7.22 43.49
C HIS A 666 42.26 7.06 44.92
N VAL A 667 43.24 6.70 45.75
CA VAL A 667 42.99 6.57 47.19
C VAL A 667 42.19 7.76 47.70
N SER A 668 42.26 8.88 46.97
CA SER A 668 41.49 10.07 47.31
C SER A 668 40.04 9.97 46.90
N GLN A 669 39.75 9.66 45.64
CA GLN A 669 38.34 9.74 45.20
C GLN A 669 37.59 8.42 45.36
N ILE A 670 37.49 7.98 46.62
CA ILE A 670 36.88 6.69 47.00
C ILE A 670 35.44 6.79 47.54
N SER A 671 35.30 7.33 48.75
CA SER A 671 34.05 7.29 49.52
C SER A 671 33.69 8.63 50.18
N ASN A 672 34.62 9.58 50.13
CA ASN A 672 34.41 10.93 50.69
C ASN A 672 34.20 10.95 52.21
N GLU A 673 34.53 12.10 52.82
CA GLU A 673 34.52 12.31 54.28
C GLU A 673 35.77 11.80 55.06
N ARG A 674 36.19 10.55 54.81
CA ARG A 674 37.41 9.95 55.41
C ARG A 674 37.57 8.45 55.12
N VAL A 675 38.79 8.00 54.82
CA VAL A 675 39.03 6.60 54.43
C VAL A 675 40.25 5.97 55.12
N ALA A 676 40.96 6.78 55.91
CA ALA A 676 42.20 6.34 56.57
C ALA A 676 43.08 5.55 55.60
N LYS A 677 42.94 4.24 55.59
CA LYS A 677 43.60 3.38 54.60
C LYS A 677 42.52 2.63 53.83
N PRO A 678 42.51 2.75 52.47
CA PRO A 678 41.50 2.21 51.55
C PRO A 678 41.12 0.74 51.74
N SER A 679 40.80 0.36 52.98
CA SER A 679 40.20 -0.93 53.31
C SER A 679 38.69 -0.75 53.50
N ASP A 680 38.15 0.35 52.96
CA ASP A 680 36.73 0.67 53.01
C ASP A 680 35.95 -0.39 52.21
N VAL A 681 36.04 -0.31 50.88
CA VAL A 681 35.50 -1.36 50.01
C VAL A 681 36.65 -2.17 49.41
N LEU A 682 37.66 -2.44 50.23
CA LEU A 682 38.78 -3.29 49.83
C LEU A 682 38.38 -4.77 49.79
N LYS A 683 38.00 -5.22 48.60
CA LYS A 683 37.74 -6.64 48.33
C LYS A 683 38.18 -6.98 46.90
N GLU A 684 39.37 -7.56 46.76
CA GLU A 684 39.90 -8.03 45.47
C GLU A 684 38.84 -8.84 44.70
N GLY A 685 38.13 -8.19 43.79
CA GLY A 685 37.07 -8.83 43.03
C GLY A 685 35.65 -8.32 43.24
N GLN A 686 35.48 -7.41 44.21
CA GLN A 686 34.17 -6.87 44.55
C GLN A 686 33.69 -5.87 43.51
N MET A 687 32.56 -6.16 42.87
CA MET A 687 32.03 -5.30 41.82
C MET A 687 31.46 -3.97 42.34
N VAL A 688 31.79 -2.88 41.64
CA VAL A 688 31.30 -1.55 41.97
C VAL A 688 30.99 -0.75 40.69
N LYS A 689 30.42 0.44 40.87
CA LYS A 689 30.14 1.35 39.75
C LYS A 689 31.01 2.59 39.86
N VAL A 690 31.59 3.00 38.74
CA VAL A 690 32.58 4.08 38.69
C VAL A 690 32.43 4.93 37.42
N LYS A 691 32.76 6.22 37.53
CA LYS A 691 32.77 7.14 36.40
C LYS A 691 34.20 7.56 36.11
N LEU A 692 34.53 7.72 34.83
CA LEU A 692 35.89 8.10 34.42
C LEU A 692 36.06 9.62 34.39
N LEU A 693 36.82 10.15 35.35
CA LEU A 693 37.12 11.57 35.38
C LEU A 693 37.86 11.97 34.09
N GLY A 694 38.72 11.07 33.60
CA GLY A 694 39.45 11.30 32.37
C GLY A 694 40.88 10.83 32.46
N PHE A 695 41.39 10.26 31.36
CA PHE A 695 42.71 9.68 31.36
C PHE A 695 43.84 10.68 31.67
N ASP A 696 43.83 11.15 32.92
CA ASP A 696 44.85 12.04 33.47
C ASP A 696 46.27 11.53 33.21
N ASP A 697 47.25 12.41 33.39
CA ASP A 697 48.67 12.16 33.06
C ASP A 697 49.11 10.75 33.46
N ARG A 698 49.71 10.00 32.53
CA ARG A 698 49.88 10.41 31.14
C ARG A 698 48.66 9.93 30.34
N GLY A 699 48.82 8.87 29.56
CA GLY A 699 47.66 8.21 28.94
C GLY A 699 46.96 7.37 30.00
N LYS A 700 47.02 7.84 31.26
CA LYS A 700 46.54 7.12 32.43
C LYS A 700 45.01 6.96 32.42
N THR A 701 44.36 6.66 33.56
CA THR A 701 42.89 6.59 33.60
C THR A 701 42.36 6.88 34.99
N LYS A 702 42.28 8.16 35.33
CA LYS A 702 41.65 8.58 36.59
C LYS A 702 40.21 8.03 36.60
N LEU A 703 39.58 8.00 37.77
CA LEU A 703 38.16 7.57 37.90
C LEU A 703 37.71 7.35 39.37
N SER A 704 36.52 7.83 39.73
CA SER A 704 36.04 7.81 41.13
C SER A 704 34.60 7.32 41.36
N MET A 705 34.15 7.48 42.61
CA MET A 705 32.83 7.00 43.04
C MET A 705 31.87 8.07 43.62
N LYS A 706 31.06 8.60 42.70
CA LYS A 706 29.83 9.28 43.02
C LYS A 706 28.73 8.34 42.52
N VAL A 707 28.68 7.14 43.10
CA VAL A 707 27.69 6.12 42.72
C VAL A 707 26.62 5.99 43.80
N VAL A 708 25.78 7.01 43.91
CA VAL A 708 25.70 8.12 42.95
C VAL A 708 25.26 9.43 43.66
N ASP A 709 25.33 10.61 43.01
CA ASP A 709 25.82 10.84 41.65
C ASP A 709 26.21 12.32 41.49
N GLN A 710 26.32 12.77 40.24
CA GLN A 710 26.74 14.13 39.94
C GLN A 710 25.80 15.16 40.57
N LYS B 6 -14.67 32.09 -30.24
CA LYS B 6 -15.79 31.21 -29.77
C LYS B 6 -15.21 29.95 -29.11
N PRO B 7 -15.74 29.56 -27.93
CA PRO B 7 -15.15 28.47 -27.14
C PRO B 7 -15.32 27.14 -27.84
N ARG B 8 -14.36 26.23 -27.69
CA ARG B 8 -14.61 24.86 -28.11
C ARG B 8 -15.33 24.26 -26.94
N ARG B 9 -16.08 23.22 -27.23
CA ARG B 9 -16.59 22.31 -26.24
C ARG B 9 -17.02 21.16 -27.09
N GLY B 10 -16.94 19.92 -26.59
CA GLY B 10 -16.72 19.60 -25.18
C GLY B 10 -17.52 18.41 -24.65
N TRP B 11 -16.86 17.46 -23.99
CA TRP B 11 -17.54 16.35 -23.32
C TRP B 11 -17.45 16.54 -21.84
N TRP B 12 -16.75 17.58 -21.41
CA TRP B 12 -16.43 17.69 -19.99
C TRP B 12 -17.45 18.29 -19.02
N ARG B 13 -18.21 19.34 -19.35
CA ARG B 13 -18.31 19.99 -20.66
C ARG B 13 -18.19 21.50 -20.52
#